data_6NV6
#
_entry.id   6NV6
#
_cell.length_a   89.120
_cell.length_b   106.510
_cell.length_c   125.230
_cell.angle_alpha   90.000
_cell.angle_beta   90.000
_cell.angle_gamma   90.000
#
_symmetry.space_group_name_H-M   'P 21 21 21'
#
loop_
_entity.id
_entity.type
_entity.pdbx_description
1 polymer 'Glutathione S-transferase'
2 non-polymer 'CHLORIDE ION'
3 non-polymer GLUTATHIONE
4 water water
#
_entity_poly.entity_id   1
_entity_poly.type   'polypeptide(L)'
_entity_poly.pdbx_seq_one_letter_code
;MPAITIWGRRNSSNVRKALWCAEEAGVAYTSIEVGGAFGGNDTPAYRALNPNGVVPTLQDGALVLWESNAIVRYLAAQYA
PALYPQAPAERALGDRWMDWTTSTFAGVFRDLFWGVVRTPEAERDHARIAAALTQSGELLARADAALAQQPYLSGGRFAM
GDIPLGSFIYAWFEMPIERPELPHLQAWYARLRVRPAYQRGVMTALT
;
_entity_poly.pdbx_strand_id   A,B,C,D
#
# COMPACT_ATOMS: atom_id res chain seq x y z
N MET A 1 5.66 39.64 -16.97
CA MET A 1 4.35 39.24 -16.46
C MET A 1 4.49 38.45 -15.16
N PRO A 2 3.52 38.61 -14.25
CA PRO A 2 3.59 37.94 -12.94
C PRO A 2 3.70 36.43 -13.06
N ALA A 3 4.38 35.84 -12.08
CA ALA A 3 4.54 34.39 -12.06
C ALA A 3 3.22 33.65 -11.94
N ILE A 4 2.20 34.29 -11.34
CA ILE A 4 0.93 33.64 -11.06
C ILE A 4 -0.06 34.05 -12.13
N THR A 5 -0.68 33.07 -12.79
CA THR A 5 -1.75 33.33 -13.74
C THR A 5 -2.96 32.48 -13.40
N ILE A 6 -4.14 33.08 -13.48
CA ILE A 6 -5.41 32.41 -13.20
C ILE A 6 -6.32 32.59 -14.41
N TRP A 7 -6.56 31.50 -15.14
CA TRP A 7 -7.47 31.52 -16.28
C TRP A 7 -8.88 31.27 -15.80
N GLY A 8 -9.83 31.99 -16.37
CA GLY A 8 -11.23 31.66 -16.16
C GLY A 8 -12.16 32.85 -16.07
N ARG A 9 -13.43 32.61 -16.43
CA ARG A 9 -14.46 33.63 -16.35
C ARG A 9 -14.65 34.12 -14.91
N ARG A 10 -14.70 35.44 -14.74
CA ARG A 10 -14.79 36.06 -13.43
C ARG A 10 -16.19 35.99 -12.83
N ASN A 11 -17.17 35.52 -13.58
CA ASN A 11 -18.53 35.33 -13.09
C ASN A 11 -18.78 33.90 -12.63
N SER A 12 -17.73 33.09 -12.50
CA SER A 12 -17.82 31.76 -11.91
C SER A 12 -17.41 31.81 -10.44
N SER A 13 -18.15 31.08 -9.61
CA SER A 13 -17.89 31.07 -8.17
C SER A 13 -16.56 30.38 -7.85
N ASN A 14 -16.22 29.38 -8.64
CA ASN A 14 -14.94 28.70 -8.45
C ASN A 14 -13.78 29.63 -8.78
N VAL A 15 -13.91 30.40 -9.86
CA VAL A 15 -12.87 31.36 -10.21
C VAL A 15 -12.84 32.50 -9.19
N ARG A 16 -14.01 32.89 -8.69
CA ARG A 16 -14.05 33.89 -7.62
C ARG A 16 -13.25 33.42 -6.41
N LYS A 17 -13.39 32.15 -6.05
CA LYS A 17 -12.61 31.57 -4.96
C LYS A 17 -11.13 31.85 -5.12
N ALA A 18 -10.63 31.68 -6.34
CA ALA A 18 -9.20 31.84 -6.58
C ALA A 18 -8.80 33.31 -6.63
N LEU A 19 -9.61 34.15 -7.30
CA LEU A 19 -9.30 35.57 -7.37
C LEU A 19 -9.30 36.20 -5.99
N TRP A 20 -10.31 35.85 -5.19
CA TRP A 20 -10.38 36.37 -3.84
C TRP A 20 -9.15 35.97 -3.02
N CYS A 21 -8.74 34.70 -3.13
CA CYS A 21 -7.56 34.24 -2.40
C CYS A 21 -6.30 34.94 -2.88
N ALA A 22 -6.09 35.01 -4.19
CA ALA A 22 -5.01 35.82 -4.73
C ALA A 22 -5.02 37.21 -4.11
N GLU A 23 -6.18 37.88 -4.17
CA GLU A 23 -6.29 39.24 -3.66
C GLU A 23 -5.96 39.31 -2.17
N GLU A 24 -6.49 38.37 -1.37
CA GLU A 24 -6.16 38.35 0.06
C GLU A 24 -4.66 38.28 0.31
N ALA A 25 -3.91 37.67 -0.61
CA ALA A 25 -2.48 37.47 -0.44
C ALA A 25 -1.66 38.64 -0.95
N GLY A 26 -2.23 39.51 -1.77
CA GLY A 26 -1.54 40.67 -2.26
C GLY A 26 -0.53 40.42 -3.36
N VAL A 27 -0.46 39.20 -3.89
CA VAL A 27 0.60 38.85 -4.82
C VAL A 27 0.31 39.43 -6.21
N ALA A 28 1.37 39.61 -6.98
CA ALA A 28 1.23 39.89 -8.39
C ALA A 28 0.59 38.69 -9.06
N TYR A 29 -0.53 38.92 -9.76
CA TYR A 29 -1.12 37.85 -10.53
C TYR A 29 -1.78 38.42 -11.78
N THR A 30 -1.82 37.60 -12.83
CA THR A 30 -2.60 37.88 -14.02
C THR A 30 -3.88 37.08 -14.00
N SER A 31 -4.99 37.72 -14.37
CA SER A 31 -6.26 37.05 -14.58
C SER A 31 -6.60 37.12 -16.07
N ILE A 32 -6.71 35.95 -16.70
CA ILE A 32 -7.03 35.86 -18.12
C ILE A 32 -8.45 35.34 -18.27
N GLU A 33 -9.26 36.06 -19.04
CA GLU A 33 -10.62 35.67 -19.38
C GLU A 33 -10.69 35.58 -20.90
N VAL A 34 -10.85 34.38 -21.41
CA VAL A 34 -10.80 34.14 -22.84
C VAL A 34 -12.22 34.25 -23.40
N GLY A 35 -12.31 34.64 -24.66
CA GLY A 35 -13.59 34.72 -25.35
C GLY A 35 -13.56 34.10 -26.74
N VAL A 54 -17.67 26.57 -14.77
CA VAL A 54 -16.35 26.85 -15.32
C VAL A 54 -15.30 26.65 -14.24
N VAL A 55 -14.10 26.27 -14.67
CA VAL A 55 -13.05 25.79 -13.78
C VAL A 55 -11.89 26.80 -13.86
N PRO A 56 -11.32 27.22 -12.74
CA PRO A 56 -10.07 28.01 -12.80
C PRO A 56 -8.88 27.11 -13.09
N THR A 57 -7.94 27.64 -13.89
CA THR A 57 -6.61 27.04 -14.01
C THR A 57 -5.62 28.00 -13.35
N LEU A 58 -4.91 27.50 -12.35
CA LEU A 58 -3.82 28.25 -11.73
C LEU A 58 -2.50 27.78 -12.33
N GLN A 59 -1.61 28.75 -12.60
CA GLN A 59 -0.23 28.46 -12.94
C GLN A 59 0.66 29.38 -12.13
N ASP A 60 1.60 28.79 -11.40
CA ASP A 60 2.57 29.53 -10.61
C ASP A 60 3.91 28.83 -10.80
N GLY A 61 4.73 29.37 -11.68
CA GLY A 61 5.95 28.68 -12.08
C GLY A 61 5.61 27.35 -12.72
N ALA A 62 6.21 26.27 -12.20
CA ALA A 62 6.00 24.94 -12.75
C ALA A 62 4.67 24.33 -12.35
N LEU A 63 3.98 24.90 -11.36
CA LEU A 63 2.76 24.31 -10.83
C LEU A 63 1.57 24.66 -11.70
N VAL A 64 0.69 23.67 -11.91
CA VAL A 64 -0.58 23.86 -12.62
C VAL A 64 -1.69 23.17 -11.82
N LEU A 65 -2.69 23.95 -11.43
CA LEU A 65 -3.78 23.47 -10.58
C LEU A 65 -5.12 23.69 -11.26
N TRP A 66 -6.00 22.69 -11.19
CA TRP A 66 -7.33 22.80 -11.77
C TRP A 66 -8.46 22.75 -10.75
N GLU A 67 -8.16 22.69 -9.47
CA GLU A 67 -9.19 22.47 -8.46
C GLU A 67 -9.27 23.72 -7.58
N SER A 68 -10.47 24.33 -7.54
CA SER A 68 -10.69 25.58 -6.80
C SER A 68 -10.09 25.52 -5.39
N ASN A 69 -10.54 24.55 -4.59
CA ASN A 69 -10.17 24.53 -3.18
C ASN A 69 -8.70 24.17 -2.99
N ALA A 70 -8.13 23.33 -3.86
CA ALA A 70 -6.69 23.12 -3.86
C ALA A 70 -5.95 24.42 -4.19
N ILE A 71 -6.44 25.15 -5.20
CA ILE A 71 -5.85 26.44 -5.52
C ILE A 71 -5.87 27.36 -4.32
N VAL A 72 -6.97 27.34 -3.56
CA VAL A 72 -7.08 28.22 -2.41
C VAL A 72 -6.06 27.81 -1.35
N ARG A 73 -6.11 26.54 -0.95
CA ARG A 73 -5.23 26.05 0.10
C ARG A 73 -3.78 26.31 -0.26
N TYR A 74 -3.44 26.14 -1.54
CA TYR A 74 -2.08 26.43 -1.99
C TYR A 74 -1.76 27.91 -1.81
N LEU A 75 -2.56 28.79 -2.42
CA LEU A 75 -2.26 30.22 -2.40
C LEU A 75 -2.11 30.75 -0.98
N ALA A 76 -2.93 30.26 -0.05
CA ALA A 76 -2.82 30.77 1.32
C ALA A 76 -1.58 30.22 2.01
N ALA A 77 -1.37 28.90 1.95
CA ALA A 77 -0.17 28.33 2.55
C ALA A 77 1.10 28.93 1.96
N GLN A 78 1.13 29.13 0.63
CA GLN A 78 2.34 29.63 -0.02
C GLN A 78 2.50 31.14 0.12
N TYR A 79 1.40 31.90 0.17
CA TYR A 79 1.50 33.34 0.06
C TYR A 79 0.80 34.13 1.15
N ALA A 80 -0.17 33.55 1.86
CA ALA A 80 -0.93 34.29 2.87
C ALA A 80 -1.06 33.43 4.11
N PRO A 81 0.02 33.32 4.90
CA PRO A 81 -0.03 32.42 6.06
C PRO A 81 -1.00 32.88 7.13
N ALA A 82 -1.43 34.14 7.08
CA ALA A 82 -2.52 34.58 7.94
C ALA A 82 -3.79 33.80 7.67
N LEU A 83 -3.92 33.22 6.48
CA LEU A 83 -5.12 32.54 6.06
C LEU A 83 -5.07 31.03 6.22
N TYR A 84 -3.89 30.49 6.55
CA TYR A 84 -3.68 29.05 6.67
C TYR A 84 -3.34 28.74 8.12
N PRO A 85 -4.31 28.36 8.95
CA PRO A 85 -4.02 28.00 10.35
C PRO A 85 -3.00 26.87 10.41
N GLN A 86 -1.96 27.06 11.24
CA GLN A 86 -0.87 26.11 11.26
C GLN A 86 -1.17 24.87 12.11
N ALA A 87 -1.96 25.01 13.17
CA ALA A 87 -2.32 23.83 13.94
C ALA A 87 -3.36 23.00 13.20
N PRO A 88 -3.14 21.70 13.00
CA PRO A 88 -4.09 20.89 12.24
C PRO A 88 -5.51 20.96 12.79
N ALA A 89 -5.65 21.01 14.12
CA ALA A 89 -6.96 20.97 14.73
C ALA A 89 -7.77 22.23 14.42
N GLU A 90 -7.11 23.39 14.26
CA GLU A 90 -7.85 24.61 13.94
C GLU A 90 -8.11 24.73 12.45
N ARG A 91 -7.14 24.33 11.63
CA ARG A 91 -7.38 24.28 10.19
C ARG A 91 -8.58 23.41 9.85
N ALA A 92 -8.74 22.29 10.56
CA ALA A 92 -9.81 21.35 10.26
C ALA A 92 -11.18 21.98 10.41
N LEU A 93 -11.29 23.03 11.24
CA LEU A 93 -12.58 23.69 11.40
C LEU A 93 -13.08 24.27 10.09
N GLY A 94 -12.24 25.05 9.40
CA GLY A 94 -12.66 25.62 8.14
C GLY A 94 -12.47 24.65 6.99
N ASP A 95 -11.59 23.67 7.18
CA ASP A 95 -11.36 22.68 6.14
C ASP A 95 -12.65 21.95 5.77
N ARG A 96 -13.44 21.61 6.79
CA ARG A 96 -14.68 20.85 6.56
C ARG A 96 -15.69 21.65 5.75
N TRP A 97 -15.66 22.98 5.83
CA TRP A 97 -16.61 23.78 5.07
C TRP A 97 -16.14 23.95 3.65
N MET A 98 -14.82 23.82 3.43
CA MET A 98 -14.32 23.78 2.07
C MET A 98 -14.82 22.53 1.34
N ASP A 99 -14.65 21.37 1.97
CA ASP A 99 -15.17 20.13 1.38
C ASP A 99 -16.68 20.13 1.27
N TRP A 100 -17.37 20.62 2.30
CA TRP A 100 -18.83 20.62 2.30
C TRP A 100 -19.39 21.53 1.19
N THR A 101 -18.73 22.65 0.92
CA THR A 101 -19.19 23.52 -0.15
C THR A 101 -19.20 22.78 -1.48
N THR A 102 -18.14 22.03 -1.75
CA THR A 102 -18.10 21.25 -2.98
C THR A 102 -18.99 20.02 -2.91
N SER A 103 -18.87 19.25 -1.82
CA SER A 103 -19.53 17.95 -1.77
C SER A 103 -21.05 18.06 -1.67
N THR A 104 -21.56 19.14 -1.08
CA THR A 104 -22.97 19.15 -0.69
C THR A 104 -23.74 20.36 -1.20
N PHE A 105 -23.11 21.52 -1.26
CA PHE A 105 -23.88 22.71 -1.58
C PHE A 105 -23.81 23.10 -3.05
N ALA A 106 -22.65 22.98 -3.67
CA ALA A 106 -22.43 23.61 -4.98
C ALA A 106 -23.35 23.02 -6.05
N GLY A 107 -23.58 21.70 -6.03
CA GLY A 107 -24.35 21.07 -7.08
C GLY A 107 -25.78 21.58 -7.12
N VAL A 108 -26.48 21.52 -5.98
CA VAL A 108 -27.86 21.98 -5.95
C VAL A 108 -27.92 23.48 -6.20
N PHE A 109 -26.94 24.23 -5.68
CA PHE A 109 -27.01 25.67 -5.86
C PHE A 109 -26.72 26.07 -7.30
N ARG A 110 -25.73 25.43 -7.92
CA ARG A 110 -25.48 25.74 -9.33
C ARG A 110 -26.73 25.45 -10.16
N ASP A 111 -27.52 24.46 -9.74
CA ASP A 111 -28.77 24.15 -10.41
C ASP A 111 -29.78 25.26 -10.18
N LEU A 112 -29.98 25.67 -8.92
CA LEU A 112 -30.83 26.80 -8.62
C LEU A 112 -30.40 28.01 -9.43
N PHE A 113 -29.10 28.31 -9.40
CA PHE A 113 -28.64 29.53 -10.05
C PHE A 113 -28.83 29.47 -11.56
N TRP A 114 -28.74 28.29 -12.17
CA TRP A 114 -28.90 28.23 -13.62
C TRP A 114 -30.35 28.52 -14.02
N GLY A 115 -31.30 27.84 -13.39
CA GLY A 115 -32.70 28.06 -13.67
C GLY A 115 -33.21 29.48 -13.53
N VAL A 116 -32.50 30.35 -12.81
CA VAL A 116 -33.02 31.64 -12.41
C VAL A 116 -32.30 32.77 -13.13
N VAL A 117 -30.99 32.66 -13.31
CA VAL A 117 -30.21 33.72 -13.90
C VAL A 117 -29.89 33.44 -15.37
N ARG A 118 -29.97 32.17 -15.81
CA ARG A 118 -29.41 31.78 -17.08
C ARG A 118 -30.36 31.02 -17.99
N THR A 119 -31.50 30.55 -17.51
CA THR A 119 -32.38 29.90 -18.46
C THR A 119 -33.61 30.77 -18.74
N PRO A 120 -34.10 30.78 -19.98
CA PRO A 120 -35.33 31.52 -20.29
C PRO A 120 -36.55 30.85 -19.65
N GLU A 121 -37.51 31.69 -19.26
CA GLU A 121 -38.68 31.20 -18.52
C GLU A 121 -39.40 30.11 -19.29
N ALA A 122 -39.36 30.16 -20.63
CA ALA A 122 -39.92 29.08 -21.44
C ALA A 122 -39.26 27.73 -21.14
N GLU A 123 -38.04 27.72 -20.61
CA GLU A 123 -37.29 26.48 -20.40
C GLU A 123 -37.17 26.08 -18.93
N ARG A 124 -37.70 26.88 -18.01
CA ARG A 124 -37.49 26.67 -16.58
C ARG A 124 -38.32 25.49 -16.08
N ASP A 125 -37.67 24.48 -15.52
CA ASP A 125 -38.35 23.43 -14.76
C ASP A 125 -38.57 23.98 -13.36
N HIS A 126 -39.76 24.55 -13.15
CA HIS A 126 -40.01 25.31 -11.93
C HIS A 126 -40.02 24.42 -10.70
N ALA A 127 -40.70 23.27 -10.78
CA ALA A 127 -40.69 22.33 -9.67
C ALA A 127 -39.27 22.02 -9.23
N ARG A 128 -38.36 21.91 -10.20
CA ARG A 128 -36.96 21.61 -9.90
C ARG A 128 -36.26 22.79 -9.25
N ILE A 129 -36.36 23.97 -9.87
CA ILE A 129 -35.85 25.19 -9.25
C ILE A 129 -36.37 25.31 -7.81
N ALA A 130 -37.69 25.29 -7.67
CA ALA A 130 -38.37 25.28 -6.38
C ALA A 130 -37.73 24.30 -5.40
N ALA A 131 -37.34 23.13 -5.90
CA ALA A 131 -36.72 22.13 -5.03
C ALA A 131 -35.27 22.48 -4.74
N ALA A 132 -34.55 22.97 -5.75
CA ALA A 132 -33.21 23.49 -5.52
C ALA A 132 -33.23 24.61 -4.49
N LEU A 133 -34.12 25.59 -4.69
CA LEU A 133 -34.20 26.71 -3.76
C LEU A 133 -34.49 26.23 -2.34
N THR A 134 -35.39 25.26 -2.21
CA THR A 134 -35.76 24.81 -0.87
C THR A 134 -34.60 24.04 -0.22
N GLN A 135 -33.88 23.25 -1.01
CA GLN A 135 -32.79 22.46 -0.44
C GLN A 135 -31.54 23.30 -0.21
N SER A 136 -31.22 24.16 -1.18
CA SER A 136 -30.20 25.19 -0.95
C SER A 136 -30.39 25.83 0.41
N GLY A 137 -31.63 26.27 0.67
CA GLY A 137 -31.93 26.97 1.91
C GLY A 137 -31.68 26.13 3.15
N GLU A 138 -32.13 24.87 3.15
CA GLU A 138 -31.97 24.07 4.35
C GLU A 138 -30.54 23.56 4.50
N LEU A 139 -29.82 23.42 3.40
CA LEU A 139 -28.38 23.18 3.50
C LEU A 139 -27.70 24.39 4.13
N LEU A 140 -27.99 25.59 3.62
CA LEU A 140 -27.39 26.78 4.20
C LEU A 140 -27.73 26.94 5.68
N ALA A 141 -28.90 26.46 6.11
CA ALA A 141 -29.25 26.49 7.52
C ALA A 141 -28.20 25.81 8.39
N ARG A 142 -27.51 24.81 7.84
CA ARG A 142 -26.44 24.16 8.59
C ARG A 142 -25.26 25.10 8.78
N ALA A 143 -24.86 25.82 7.72
CA ALA A 143 -23.81 26.81 7.88
C ALA A 143 -24.26 27.94 8.80
N ASP A 144 -25.52 28.36 8.67
CA ASP A 144 -26.08 29.37 9.55
C ASP A 144 -25.96 28.94 11.01
N ALA A 145 -26.15 27.65 11.27
CA ALA A 145 -26.02 27.16 12.64
C ALA A 145 -24.56 27.20 13.10
N ALA A 146 -23.63 26.88 12.21
CA ALA A 146 -22.22 26.94 12.61
C ALA A 146 -21.78 28.38 12.82
N LEU A 147 -22.35 29.32 12.09
CA LEU A 147 -22.02 30.73 12.23
C LEU A 147 -22.78 31.39 13.36
N ALA A 148 -23.63 30.64 14.06
CA ALA A 148 -24.15 31.05 15.35
C ALA A 148 -23.23 30.66 16.49
N GLN A 149 -22.26 29.77 16.24
CA GLN A 149 -21.31 29.33 17.25
C GLN A 149 -19.99 30.10 17.17
N GLN A 150 -19.52 30.39 15.97
CA GLN A 150 -18.31 31.17 15.73
C GLN A 150 -18.60 32.15 14.60
N PRO A 151 -17.87 33.27 14.56
CA PRO A 151 -18.17 34.27 13.54
C PRO A 151 -17.68 33.91 12.14
N TYR A 152 -16.81 32.91 12.01
CA TYR A 152 -16.33 32.48 10.71
C TYR A 152 -16.34 30.95 10.61
N LEU A 153 -16.54 30.48 9.38
CA LEU A 153 -16.42 29.07 9.10
C LEU A 153 -15.08 28.53 9.54
N SER A 154 -14.03 29.36 9.51
CA SER A 154 -12.72 28.97 9.97
C SER A 154 -12.57 29.06 11.48
N GLY A 155 -13.60 29.57 12.18
CA GLY A 155 -13.53 29.66 13.62
C GLY A 155 -13.54 31.10 14.13
N GLY A 156 -12.66 31.40 15.08
CA GLY A 156 -12.67 32.72 15.68
C GLY A 156 -12.31 33.82 14.70
N ARG A 157 -11.37 33.55 13.80
CA ARG A 157 -10.93 34.52 12.82
C ARG A 157 -11.14 33.97 11.42
N PHE A 158 -11.35 34.88 10.47
CA PHE A 158 -11.44 34.54 9.06
C PHE A 158 -10.18 33.81 8.59
N ALA A 159 -10.35 32.86 7.69
CA ALA A 159 -9.22 32.15 7.08
C ALA A 159 -9.73 31.46 5.81
N MET A 160 -8.86 30.64 5.20
CA MET A 160 -9.18 30.01 3.92
C MET A 160 -10.50 29.24 3.94
N GLY A 161 -10.87 28.71 5.11
CA GLY A 161 -12.08 27.91 5.21
C GLY A 161 -13.33 28.67 4.85
N ASP A 162 -13.34 29.99 5.02
CA ASP A 162 -14.51 30.78 4.67
C ASP A 162 -14.62 31.05 3.18
N ILE A 163 -13.56 30.81 2.41
CA ILE A 163 -13.47 31.32 1.06
C ILE A 163 -14.36 30.56 0.08
N PRO A 164 -14.38 29.21 0.06
CA PRO A 164 -15.25 28.53 -0.93
C PRO A 164 -16.73 28.86 -0.77
N LEU A 165 -17.31 28.68 0.42
CA LEU A 165 -18.71 29.06 0.60
C LEU A 165 -18.92 30.57 0.48
N GLY A 166 -17.94 31.37 0.93
CA GLY A 166 -18.05 32.81 0.82
C GLY A 166 -18.18 33.28 -0.62
N SER A 167 -17.55 32.57 -1.56
CA SER A 167 -17.66 32.96 -2.96
C SER A 167 -19.00 32.57 -3.56
N PHE A 168 -19.63 31.51 -3.04
CA PHE A 168 -20.99 31.19 -3.49
C PHE A 168 -22.01 32.12 -2.85
N ILE A 169 -21.82 32.47 -1.58
CA ILE A 169 -22.87 33.15 -0.83
C ILE A 169 -23.10 34.56 -1.35
N TYR A 170 -22.17 35.10 -2.13
CA TYR A 170 -22.46 36.31 -2.89
C TYR A 170 -23.61 36.07 -3.86
N ALA A 171 -23.52 34.98 -4.64
CA ALA A 171 -24.61 34.67 -5.56
C ALA A 171 -25.91 34.44 -4.79
N TRP A 172 -25.85 33.69 -3.69
CA TRP A 172 -27.04 33.42 -2.89
C TRP A 172 -27.78 34.69 -2.50
N PHE A 173 -27.08 35.72 -2.04
CA PHE A 173 -27.74 36.88 -1.48
C PHE A 173 -28.11 37.91 -2.52
N GLU A 174 -27.43 37.95 -3.65
CA GLU A 174 -27.70 38.97 -4.66
C GLU A 174 -28.51 38.43 -5.83
N MET A 175 -28.70 37.12 -5.91
CA MET A 175 -29.66 36.46 -6.78
C MET A 175 -31.07 37.01 -6.58
N PRO A 176 -31.86 37.11 -7.65
CA PRO A 176 -33.27 37.51 -7.48
C PRO A 176 -34.14 36.32 -7.07
N ILE A 177 -34.14 36.03 -5.77
CA ILE A 177 -34.92 34.94 -5.19
C ILE A 177 -35.45 35.38 -3.82
N GLU A 178 -36.41 34.61 -3.31
CA GLU A 178 -36.90 34.79 -1.95
C GLU A 178 -36.14 33.81 -1.06
N ARG A 179 -35.36 34.35 -0.10
CA ARG A 179 -34.47 33.58 0.76
C ARG A 179 -35.10 33.36 2.12
N PRO A 180 -34.90 32.20 2.76
CA PRO A 180 -35.31 32.05 4.15
C PRO A 180 -34.42 32.89 5.06
N GLU A 181 -34.96 33.23 6.23
CA GLU A 181 -34.23 34.05 7.18
C GLU A 181 -33.09 33.23 7.79
N LEU A 182 -31.85 33.61 7.50
CA LEU A 182 -30.67 32.95 8.06
C LEU A 182 -29.71 34.03 8.56
N PRO A 183 -29.89 34.50 9.80
CA PRO A 183 -29.29 35.77 10.19
C PRO A 183 -27.83 35.69 10.55
N HIS A 184 -27.36 34.53 11.02
CA HIS A 184 -25.93 34.38 11.26
C HIS A 184 -25.19 34.29 9.94
N LEU A 185 -25.71 33.48 9.02
CA LEU A 185 -25.18 33.45 7.66
C LEU A 185 -25.10 34.86 7.08
N GLN A 186 -26.14 35.67 7.29
CA GLN A 186 -26.18 37.00 6.68
C GLN A 186 -25.18 37.95 7.32
N ALA A 187 -25.06 37.93 8.65
CA ALA A 187 -24.08 38.79 9.32
C ALA A 187 -22.66 38.43 8.91
N TRP A 188 -22.41 37.14 8.66
CA TRP A 188 -21.12 36.70 8.13
C TRP A 188 -20.88 37.28 6.75
N TYR A 189 -21.90 37.24 5.89
CA TYR A 189 -21.78 37.86 4.58
C TYR A 189 -21.55 39.36 4.70
N ALA A 190 -22.17 40.00 5.70
CA ALA A 190 -21.94 41.42 5.92
C ALA A 190 -20.48 41.70 6.30
N ARG A 191 -19.85 40.80 7.04
CA ARG A 191 -18.47 41.01 7.43
C ARG A 191 -17.51 40.66 6.30
N LEU A 192 -17.90 39.71 5.45
CA LEU A 192 -17.12 39.46 4.25
C LEU A 192 -17.10 40.69 3.35
N ARG A 193 -18.25 41.36 3.22
CA ARG A 193 -18.37 42.47 2.29
C ARG A 193 -17.48 43.64 2.67
N VAL A 194 -17.06 43.75 3.94
CA VAL A 194 -16.15 44.84 4.31
C VAL A 194 -14.72 44.60 3.84
N ARG A 195 -14.37 43.38 3.43
CA ARG A 195 -13.01 43.09 2.98
C ARG A 195 -12.80 43.57 1.55
N PRO A 196 -11.75 44.35 1.27
CA PRO A 196 -11.50 44.75 -0.13
C PRO A 196 -11.20 43.58 -1.03
N ALA A 197 -10.42 42.60 -0.56
CA ALA A 197 -10.13 41.43 -1.38
C ALA A 197 -11.40 40.71 -1.80
N TYR A 198 -12.41 40.73 -0.93
CA TYR A 198 -13.70 40.14 -1.29
C TYR A 198 -14.45 41.01 -2.29
N GLN A 199 -14.36 42.33 -2.14
CA GLN A 199 -15.03 43.22 -3.09
C GLN A 199 -14.43 43.08 -4.48
N ARG A 200 -13.11 43.00 -4.58
CA ARG A 200 -12.46 42.91 -5.89
C ARG A 200 -12.47 41.47 -6.43
N GLY A 201 -12.39 40.49 -5.55
CA GLY A 201 -12.28 39.11 -5.99
C GLY A 201 -13.60 38.41 -6.25
N VAL A 202 -14.64 38.76 -5.50
CA VAL A 202 -15.89 38.00 -5.51
C VAL A 202 -17.04 38.80 -6.09
N MET A 203 -17.17 40.07 -5.71
CA MET A 203 -18.39 40.81 -6.03
C MET A 203 -18.29 41.37 -7.45
N THR A 204 -18.43 40.47 -8.41
CA THR A 204 -18.34 40.79 -9.82
C THR A 204 -19.75 40.75 -10.43
N ALA A 205 -19.81 40.99 -11.73
CA ALA A 205 -21.07 40.89 -12.46
C ALA A 205 -21.74 39.54 -12.20
N LEU A 206 -22.96 39.56 -11.67
CA LEU A 206 -23.64 38.32 -11.29
C LEU A 206 -24.45 37.80 -12.48
N THR A 207 -23.70 37.41 -13.51
CA THR A 207 -24.29 36.94 -14.76
C THR A 207 -24.24 35.41 -14.88
N MET B 1 -12.81 4.24 24.97
CA MET B 1 -11.71 4.72 25.80
C MET B 1 -10.55 5.45 25.05
N PRO B 2 -10.19 5.05 23.82
CA PRO B 2 -9.14 5.80 23.11
C PRO B 2 -9.60 7.20 22.72
N ALA B 3 -8.61 8.07 22.50
CA ALA B 3 -8.89 9.49 22.30
C ALA B 3 -9.73 9.74 21.04
N ILE B 4 -9.59 8.90 20.03
CA ILE B 4 -10.23 9.10 18.73
C ILE B 4 -11.41 8.15 18.57
N THR B 5 -12.55 8.69 18.17
CA THR B 5 -13.67 7.91 17.68
C THR B 5 -13.91 8.24 16.21
N ILE B 6 -14.18 7.22 15.41
CA ILE B 6 -14.56 7.41 14.02
C ILE B 6 -15.94 6.78 13.84
N TRP B 7 -16.96 7.64 13.72
CA TRP B 7 -18.32 7.17 13.49
C TRP B 7 -18.54 6.85 12.03
N GLY B 8 -19.03 5.66 11.75
CA GLY B 8 -19.49 5.35 10.40
C GLY B 8 -19.32 3.89 10.04
N ARG B 9 -20.19 3.42 9.17
CA ARG B 9 -20.14 2.02 8.77
C ARG B 9 -18.92 1.75 7.89
N ARG B 10 -18.32 0.58 8.09
CA ARG B 10 -17.02 0.28 7.49
C ARG B 10 -17.11 -0.22 6.04
N ASN B 11 -18.31 -0.41 5.51
CA ASN B 11 -18.49 -0.72 4.09
C ASN B 11 -18.75 0.53 3.26
N SER B 12 -18.46 1.71 3.81
CA SER B 12 -18.60 2.99 3.13
C SER B 12 -17.26 3.45 2.57
N SER B 13 -17.29 3.88 1.30
CA SER B 13 -16.09 4.39 0.65
C SER B 13 -15.53 5.57 1.43
N ASN B 14 -16.40 6.50 1.84
CA ASN B 14 -15.94 7.69 2.53
C ASN B 14 -15.39 7.34 3.90
N VAL B 15 -16.04 6.42 4.61
CA VAL B 15 -15.56 6.01 5.92
C VAL B 15 -14.25 5.25 5.80
N ARG B 16 -14.08 4.48 4.71
CA ARG B 16 -12.82 3.78 4.50
C ARG B 16 -11.64 4.75 4.44
N LYS B 17 -11.84 5.93 3.84
CA LYS B 17 -10.76 6.90 3.76
C LYS B 17 -10.26 7.26 5.14
N ALA B 18 -11.18 7.50 6.07
CA ALA B 18 -10.80 7.92 7.40
C ALA B 18 -10.20 6.77 8.19
N LEU B 19 -10.77 5.56 8.04
CA LEU B 19 -10.22 4.40 8.74
C LEU B 19 -8.82 4.08 8.23
N TRP B 20 -8.63 4.13 6.90
CA TRP B 20 -7.32 3.87 6.34
C TRP B 20 -6.30 4.89 6.82
N CYS B 21 -6.69 6.15 6.91
CA CYS B 21 -5.74 7.15 7.36
C CYS B 21 -5.42 6.97 8.84
N ALA B 22 -6.43 6.69 9.65
CA ALA B 22 -6.16 6.36 11.04
C ALA B 22 -5.18 5.20 11.15
N GLU B 23 -5.39 4.15 10.36
CA GLU B 23 -4.52 2.99 10.41
C GLU B 23 -3.09 3.34 9.97
N GLU B 24 -2.95 4.12 8.89
CA GLU B 24 -1.62 4.50 8.45
C GLU B 24 -0.87 5.28 9.52
N ALA B 25 -1.61 6.03 10.36
CA ALA B 25 -0.99 6.87 11.37
C ALA B 25 -0.66 6.11 12.65
N GLY B 26 -1.22 4.91 12.82
CA GLY B 26 -0.94 4.11 14.00
C GLY B 26 -1.73 4.49 15.21
N VAL B 27 -2.49 5.59 15.16
CA VAL B 27 -3.23 6.04 16.34
C VAL B 27 -4.17 4.95 16.82
N ALA B 28 -4.49 5.00 18.11
CA ALA B 28 -5.62 4.23 18.63
C ALA B 28 -6.91 4.96 18.32
N TYR B 29 -7.94 4.20 17.91
CA TYR B 29 -9.23 4.80 17.61
C TYR B 29 -10.32 3.75 17.83
N THR B 30 -11.55 4.22 17.93
CA THR B 30 -12.71 3.35 18.04
C THR B 30 -13.59 3.51 16.81
N SER B 31 -13.96 2.39 16.20
CA SER B 31 -14.94 2.38 15.11
C SER B 31 -16.35 2.09 15.66
N ILE B 32 -17.32 2.87 15.21
CA ILE B 32 -18.72 2.69 15.61
C ILE B 32 -19.56 2.87 14.36
N GLU B 33 -20.24 1.81 13.94
CA GLU B 33 -20.90 1.80 12.64
C GLU B 33 -22.25 2.48 12.71
N VAL B 34 -22.48 3.40 11.78
CA VAL B 34 -23.61 4.32 11.79
C VAL B 34 -24.03 4.54 10.34
N GLY B 35 -25.34 4.72 10.11
CA GLY B 35 -25.88 4.92 8.78
C GLY B 35 -26.09 3.61 8.04
N GLY B 36 -26.88 3.70 6.97
CA GLY B 36 -27.24 2.49 6.25
C GLY B 36 -28.02 1.55 7.16
N ALA B 37 -27.67 0.26 7.11
CA ALA B 37 -28.38 -0.74 7.91
C ALA B 37 -28.27 -0.46 9.40
N PHE B 38 -27.13 0.10 9.84
CA PHE B 38 -26.94 0.45 11.24
C PHE B 38 -27.80 1.64 11.65
N GLY B 39 -28.25 2.44 10.69
CA GLY B 39 -29.15 3.56 10.90
C GLY B 39 -28.62 4.55 11.91
N GLY B 40 -29.56 5.26 12.56
CA GLY B 40 -29.19 6.17 13.61
C GLY B 40 -28.44 7.40 13.19
N ASN B 41 -28.44 7.74 11.90
CA ASN B 41 -27.80 8.96 11.45
C ASN B 41 -28.78 10.13 11.36
N ASP B 42 -30.03 9.93 11.78
CA ASP B 42 -30.98 11.02 11.93
C ASP B 42 -31.45 11.18 13.37
N THR B 43 -30.79 10.50 14.32
CA THR B 43 -31.00 10.82 15.72
C THR B 43 -30.49 12.24 15.99
N PRO B 44 -31.07 12.96 16.96
CA PRO B 44 -30.47 14.23 17.39
C PRO B 44 -29.12 14.04 18.05
N ALA B 45 -28.78 12.80 18.45
CA ALA B 45 -27.44 12.52 18.97
C ALA B 45 -26.40 12.61 17.87
N TYR B 46 -26.68 12.02 16.71
CA TYR B 46 -25.72 12.08 15.61
C TYR B 46 -25.80 13.38 14.83
N ARG B 47 -26.93 14.09 14.90
CA ARG B 47 -27.03 15.38 14.25
C ARG B 47 -26.41 16.50 15.06
N ALA B 48 -26.10 16.24 16.34
CA ALA B 48 -25.26 17.14 17.11
C ALA B 48 -23.78 16.92 16.88
N LEU B 49 -23.41 15.84 16.20
CA LEU B 49 -22.06 15.59 15.74
C LEU B 49 -21.85 16.03 14.30
N ASN B 50 -22.85 15.82 13.45
CA ASN B 50 -22.71 16.04 12.01
C ASN B 50 -24.08 16.46 11.49
N PRO B 51 -24.30 17.77 11.29
CA PRO B 51 -25.64 18.25 10.91
C PRO B 51 -26.07 17.79 9.52
N ASN B 52 -25.25 16.95 8.89
CA ASN B 52 -25.48 16.50 7.54
C ASN B 52 -26.14 15.13 7.46
N GLY B 53 -26.17 14.39 8.57
CA GLY B 53 -26.80 13.08 8.60
C GLY B 53 -26.06 11.99 7.86
N VAL B 54 -24.75 12.14 7.65
CA VAL B 54 -23.96 11.22 6.85
C VAL B 54 -22.74 10.79 7.66
N VAL B 55 -21.94 9.93 7.06
CA VAL B 55 -20.74 9.39 7.68
C VAL B 55 -19.60 9.55 6.67
N PRO B 56 -18.35 9.73 7.11
CA PRO B 56 -17.89 9.59 8.50
C PRO B 56 -17.93 10.86 9.32
N THR B 57 -17.84 10.68 10.63
CA THR B 57 -17.56 11.76 11.56
C THR B 57 -16.42 11.31 12.46
N LEU B 58 -15.50 12.23 12.77
CA LEU B 58 -14.40 11.99 13.68
C LEU B 58 -14.55 12.84 14.93
N GLN B 59 -14.22 12.23 16.07
CA GLN B 59 -14.02 12.96 17.31
C GLN B 59 -12.59 12.74 17.77
N ASP B 60 -11.91 13.82 18.13
CA ASP B 60 -10.59 13.75 18.76
C ASP B 60 -10.56 14.81 19.84
N GLY B 61 -10.65 14.36 21.09
CA GLY B 61 -10.89 15.26 22.19
C GLY B 61 -12.11 16.12 21.95
N ALA B 62 -11.92 17.44 21.92
CA ALA B 62 -12.99 18.38 21.68
C ALA B 62 -13.23 18.66 20.20
N LEU B 63 -12.41 18.08 19.33
CA LEU B 63 -12.55 18.30 17.90
C LEU B 63 -13.61 17.38 17.32
N VAL B 64 -14.50 17.94 16.50
CA VAL B 64 -15.52 17.15 15.81
C VAL B 64 -15.43 17.49 14.34
N LEU B 65 -15.08 16.50 13.53
CA LEU B 65 -14.83 16.68 12.10
C LEU B 65 -15.76 15.78 11.29
N TRP B 66 -16.34 16.32 10.22
CA TRP B 66 -16.96 15.54 9.15
C TRP B 66 -16.37 16.02 7.83
N GLU B 67 -16.86 15.48 6.69
CA GLU B 67 -16.11 15.56 5.43
C GLU B 67 -14.83 14.72 5.46
N SER B 68 -14.98 13.47 5.05
CA SER B 68 -13.87 12.51 4.97
C SER B 68 -12.55 13.14 4.49
N ASN B 69 -12.57 13.92 3.41
CA ASN B 69 -11.29 14.49 2.97
C ASN B 69 -10.70 15.43 4.03
N ALA B 70 -11.56 16.20 4.70
CA ALA B 70 -11.08 17.02 5.81
C ALA B 70 -10.50 16.15 6.92
N ILE B 71 -11.13 14.99 7.19
CA ILE B 71 -10.67 14.11 8.25
C ILE B 71 -9.33 13.49 7.89
N VAL B 72 -9.17 13.08 6.63
CA VAL B 72 -7.89 12.54 6.18
C VAL B 72 -6.79 13.57 6.37
N ARG B 73 -7.05 14.81 5.92
CA ARG B 73 -6.02 15.83 5.99
C ARG B 73 -5.64 16.12 7.44
N TYR B 74 -6.61 16.11 8.35
CA TYR B 74 -6.31 16.27 9.76
C TYR B 74 -5.43 15.13 10.25
N LEU B 75 -5.94 13.90 10.18
CA LEU B 75 -5.20 12.74 10.68
C LEU B 75 -3.79 12.67 10.13
N ALA B 76 -3.58 13.14 8.89
CA ALA B 76 -2.24 13.13 8.34
C ALA B 76 -1.38 14.26 8.91
N ALA B 77 -1.91 15.49 8.93
CA ALA B 77 -1.14 16.62 9.46
C ALA B 77 -0.83 16.43 10.94
N GLN B 78 -1.78 15.89 11.69
CA GLN B 78 -1.65 15.81 13.15
C GLN B 78 -0.90 14.58 13.64
N TYR B 79 -0.97 13.46 12.91
CA TYR B 79 -0.44 12.20 13.43
C TYR B 79 0.45 11.42 12.48
N ALA B 80 0.42 11.68 11.18
CA ALA B 80 1.22 10.94 10.20
C ALA B 80 1.84 11.94 9.24
N PRO B 81 2.76 12.77 9.75
CA PRO B 81 3.23 13.91 8.94
C PRO B 81 3.88 13.51 7.63
N ALA B 82 4.45 12.31 7.54
CA ALA B 82 4.94 11.83 6.25
C ALA B 82 3.86 11.87 5.17
N LEU B 83 2.61 11.70 5.58
CA LEU B 83 1.50 11.70 4.63
C LEU B 83 1.10 13.10 4.22
N TYR B 84 1.66 14.13 4.85
CA TYR B 84 1.27 15.52 4.67
C TYR B 84 2.47 16.32 4.20
N PRO B 85 2.75 16.35 2.89
CA PRO B 85 3.93 17.10 2.40
C PRO B 85 3.89 18.53 2.92
N GLN B 86 5.07 19.08 3.24
CA GLN B 86 5.05 20.36 3.94
C GLN B 86 5.26 21.56 3.04
N ALA B 87 5.93 21.41 1.92
CA ALA B 87 5.97 22.50 0.95
C ALA B 87 4.61 22.61 0.28
N PRO B 88 3.96 23.78 0.29
CA PRO B 88 2.63 23.88 -0.31
C PRO B 88 2.54 23.35 -1.73
N ALA B 89 3.59 23.51 -2.53
CA ALA B 89 3.52 23.10 -3.92
C ALA B 89 3.65 21.60 -4.07
N GLU B 90 4.40 20.94 -3.19
CA GLU B 90 4.40 19.48 -3.17
C GLU B 90 3.07 18.95 -2.67
N ARG B 91 2.48 19.64 -1.69
CA ARG B 91 1.20 19.21 -1.14
C ARG B 91 0.10 19.33 -2.18
N ALA B 92 0.18 20.33 -3.07
CA ALA B 92 -0.87 20.55 -4.05
C ALA B 92 -0.92 19.45 -5.09
N LEU B 93 0.15 18.66 -5.25
CA LEU B 93 0.09 17.60 -6.25
C LEU B 93 -0.89 16.50 -5.84
N GLY B 94 -0.99 16.22 -4.53
CA GLY B 94 -1.97 15.27 -4.05
C GLY B 94 -3.28 15.94 -3.70
N ASP B 95 -3.20 17.19 -3.23
CA ASP B 95 -4.38 17.92 -2.76
C ASP B 95 -5.43 18.05 -3.84
N ARG B 96 -5.01 18.25 -5.09
CA ARG B 96 -5.97 18.40 -6.17
C ARG B 96 -6.66 17.07 -6.49
N TRP B 97 -5.97 15.95 -6.27
CA TRP B 97 -6.63 14.65 -6.48
C TRP B 97 -7.61 14.35 -5.36
N MET B 98 -7.37 14.90 -4.17
CA MET B 98 -8.38 14.79 -3.13
C MET B 98 -9.65 15.55 -3.55
N ASP B 99 -9.48 16.79 -3.99
CA ASP B 99 -10.61 17.62 -4.35
C ASP B 99 -11.33 17.09 -5.58
N TRP B 100 -10.56 16.58 -6.54
CA TRP B 100 -11.13 16.02 -7.77
C TRP B 100 -11.99 14.81 -7.47
N THR B 101 -11.66 14.07 -6.41
CA THR B 101 -12.52 12.97 -5.98
C THR B 101 -13.85 13.50 -5.45
N THR B 102 -13.80 14.54 -4.61
CA THR B 102 -15.01 15.14 -4.08
C THR B 102 -15.82 15.84 -5.17
N SER B 103 -15.15 16.59 -6.04
CA SER B 103 -15.81 17.49 -6.97
C SER B 103 -16.30 16.81 -8.22
N THR B 104 -15.62 15.77 -8.68
CA THR B 104 -15.91 15.22 -9.99
C THR B 104 -16.18 13.72 -9.98
N PHE B 105 -15.38 12.95 -9.25
CA PHE B 105 -15.47 11.50 -9.40
C PHE B 105 -16.63 10.93 -8.62
N ALA B 106 -16.78 11.37 -7.36
CA ALA B 106 -17.72 10.70 -6.46
C ALA B 106 -19.14 10.76 -7.01
N GLY B 107 -19.58 11.93 -7.46
CA GLY B 107 -20.93 12.05 -7.96
C GLY B 107 -21.20 11.20 -9.18
N VAL B 108 -20.20 11.05 -10.05
CA VAL B 108 -20.38 10.22 -11.23
C VAL B 108 -20.41 8.75 -10.85
N PHE B 109 -19.57 8.37 -9.89
CA PHE B 109 -19.38 6.98 -9.49
C PHE B 109 -20.52 6.48 -8.62
N ARG B 110 -21.27 7.41 -8.00
CA ARG B 110 -22.34 7.06 -7.07
C ARG B 110 -23.31 6.05 -7.67
N ASP B 111 -23.86 6.35 -8.85
CA ASP B 111 -24.89 5.50 -9.44
C ASP B 111 -24.33 4.13 -9.80
N LEU B 112 -23.10 4.08 -10.32
CA LEU B 112 -22.47 2.79 -10.62
C LEU B 112 -22.41 1.94 -9.36
N PHE B 113 -21.93 2.53 -8.27
CA PHE B 113 -21.80 1.75 -7.04
C PHE B 113 -23.15 1.45 -6.42
N TRP B 114 -24.05 2.44 -6.36
CA TRP B 114 -25.36 2.18 -5.78
C TRP B 114 -26.12 1.10 -6.56
N GLY B 115 -26.16 1.24 -7.88
CA GLY B 115 -26.93 0.30 -8.68
C GLY B 115 -26.40 -1.12 -8.57
N VAL B 116 -25.08 -1.29 -8.69
CA VAL B 116 -24.51 -2.63 -8.78
C VAL B 116 -24.43 -3.29 -7.41
N VAL B 117 -23.91 -2.58 -6.41
CA VAL B 117 -23.58 -3.20 -5.14
C VAL B 117 -24.74 -3.15 -4.16
N ARG B 118 -25.55 -2.10 -4.20
CA ARG B 118 -26.53 -1.89 -3.13
C ARG B 118 -27.98 -1.90 -3.60
N THR B 119 -28.24 -2.20 -4.87
CA THR B 119 -29.58 -2.29 -5.40
C THR B 119 -29.87 -3.71 -5.84
N PRO B 120 -31.02 -4.28 -5.45
CA PRO B 120 -31.39 -5.60 -5.96
C PRO B 120 -31.54 -5.59 -7.47
N GLU B 121 -31.25 -6.75 -8.09
CA GLU B 121 -31.19 -6.83 -9.54
C GLU B 121 -32.45 -6.29 -10.20
N ALA B 122 -33.61 -6.62 -9.64
CA ALA B 122 -34.88 -6.22 -10.25
C ALA B 122 -35.16 -4.73 -10.13
N GLU B 123 -34.43 -4.01 -9.30
CA GLU B 123 -34.69 -2.59 -9.07
C GLU B 123 -33.62 -1.68 -9.68
N ARG B 124 -32.76 -2.23 -10.53
CA ARG B 124 -31.64 -1.47 -11.07
C ARG B 124 -32.07 -0.58 -12.23
N ASP B 125 -31.53 0.64 -12.26
CA ASP B 125 -31.68 1.53 -13.41
C ASP B 125 -30.48 1.29 -14.30
N HIS B 126 -30.66 0.50 -15.35
CA HIS B 126 -29.52 0.11 -16.17
C HIS B 126 -28.99 1.27 -16.98
N ALA B 127 -29.86 2.19 -17.42
CA ALA B 127 -29.38 3.39 -18.08
C ALA B 127 -28.47 4.19 -17.15
N ARG B 128 -28.90 4.34 -15.89
CA ARG B 128 -28.09 5.10 -14.95
C ARG B 128 -26.78 4.39 -14.64
N ILE B 129 -26.84 3.08 -14.40
CA ILE B 129 -25.62 2.30 -14.23
C ILE B 129 -24.69 2.49 -15.41
N ALA B 130 -25.24 2.34 -16.63
CA ALA B 130 -24.41 2.40 -17.83
C ALA B 130 -23.79 3.78 -18.00
N ALA B 131 -24.54 4.84 -17.68
CA ALA B 131 -23.98 6.18 -17.76
C ALA B 131 -22.85 6.35 -16.76
N ALA B 132 -23.12 6.03 -15.49
CA ALA B 132 -22.09 6.14 -14.46
C ALA B 132 -20.88 5.28 -14.81
N LEU B 133 -21.09 4.13 -15.46
CA LEU B 133 -19.94 3.29 -15.80
C LEU B 133 -19.09 3.95 -16.90
N THR B 134 -19.74 4.39 -17.98
CA THR B 134 -19.00 5.05 -19.06
C THR B 134 -18.22 6.24 -18.53
N GLN B 135 -18.91 7.12 -17.79
CA GLN B 135 -18.28 8.36 -17.36
C GLN B 135 -17.24 8.11 -16.29
N SER B 136 -17.48 7.14 -15.40
CA SER B 136 -16.48 6.79 -14.39
C SER B 136 -15.19 6.31 -15.05
N GLY B 137 -15.32 5.52 -16.13
CA GLY B 137 -14.14 5.05 -16.83
C GLY B 137 -13.45 6.13 -17.61
N GLU B 138 -14.18 7.15 -18.05
CA GLU B 138 -13.53 8.29 -18.68
C GLU B 138 -12.77 9.12 -17.65
N LEU B 139 -13.40 9.37 -16.50
CA LEU B 139 -12.73 10.11 -15.45
C LEU B 139 -11.48 9.39 -14.98
N LEU B 140 -11.54 8.06 -14.88
CA LEU B 140 -10.43 7.30 -14.35
C LEU B 140 -9.29 7.13 -15.33
N ALA B 141 -9.53 7.35 -16.64
CA ALA B 141 -8.42 7.41 -17.59
C ALA B 141 -7.55 8.62 -17.32
N ARG B 142 -8.11 9.68 -16.74
CA ARG B 142 -7.29 10.81 -16.34
C ARG B 142 -6.36 10.41 -15.20
N ALA B 143 -6.86 9.65 -14.23
CA ALA B 143 -6.00 9.10 -13.18
C ALA B 143 -4.94 8.16 -13.77
N ASP B 144 -5.34 7.30 -14.71
CA ASP B 144 -4.41 6.34 -15.30
C ASP B 144 -3.28 7.04 -16.03
N ALA B 145 -3.59 8.06 -16.82
CA ALA B 145 -2.56 8.83 -17.52
C ALA B 145 -1.58 9.48 -16.53
N ALA B 146 -2.10 10.02 -15.42
CA ALA B 146 -1.24 10.62 -14.42
C ALA B 146 -0.35 9.57 -13.75
N LEU B 147 -0.90 8.39 -13.50
CA LEU B 147 -0.14 7.30 -12.89
C LEU B 147 0.77 6.58 -13.88
N ALA B 148 0.94 7.10 -15.09
CA ALA B 148 2.00 6.63 -15.95
C ALA B 148 3.31 7.37 -15.68
N GLN B 149 3.20 8.60 -15.18
CA GLN B 149 4.33 9.50 -14.97
C GLN B 149 4.83 9.51 -13.53
N GLN B 150 3.94 9.53 -12.55
CA GLN B 150 4.32 9.32 -11.18
C GLN B 150 3.72 8.01 -10.68
N PRO B 151 4.27 7.42 -9.61
CA PRO B 151 3.68 6.19 -9.07
C PRO B 151 2.53 6.40 -8.09
N TYR B 152 2.33 7.61 -7.58
CA TYR B 152 1.21 7.89 -6.70
C TYR B 152 0.58 9.20 -7.14
N LEU B 153 -0.70 9.37 -6.82
CA LEU B 153 -1.34 10.65 -7.08
C LEU B 153 -0.68 11.76 -6.28
N SER B 154 -0.05 11.41 -5.15
CA SER B 154 0.69 12.38 -4.36
C SER B 154 2.01 12.77 -4.99
N GLY B 155 2.45 12.05 -6.03
CA GLY B 155 3.74 12.32 -6.64
C GLY B 155 4.71 11.15 -6.48
N GLY B 156 5.93 11.45 -6.03
CA GLY B 156 6.98 10.45 -6.01
C GLY B 156 6.82 9.40 -4.92
N ARG B 157 6.22 9.77 -3.79
CA ARG B 157 5.94 8.81 -2.74
C ARG B 157 4.47 8.90 -2.36
N PHE B 158 3.99 7.86 -1.68
CA PHE B 158 2.62 7.80 -1.21
C PHE B 158 2.37 8.87 -0.15
N ALA B 159 1.14 9.40 -0.12
CA ALA B 159 0.77 10.43 0.84
C ALA B 159 -0.74 10.64 0.79
N MET B 160 -1.19 11.69 1.47
CA MET B 160 -2.59 12.09 1.56
C MET B 160 -3.34 11.96 0.26
N GLY B 161 -2.74 12.43 -0.84
CA GLY B 161 -3.44 12.60 -2.09
C GLY B 161 -4.01 11.31 -2.65
N ASP B 162 -3.49 10.19 -2.17
CA ASP B 162 -3.85 8.90 -2.74
C ASP B 162 -5.05 8.28 -2.05
N ILE B 163 -5.36 8.73 -0.84
CA ILE B 163 -6.34 8.06 0.01
C ILE B 163 -7.76 8.18 -0.53
N PRO B 164 -8.26 9.38 -0.87
CA PRO B 164 -9.66 9.44 -1.32
C PRO B 164 -9.94 8.58 -2.54
N LEU B 165 -9.15 8.74 -3.61
CA LEU B 165 -9.42 7.96 -4.81
C LEU B 165 -9.11 6.48 -4.58
N GLY B 166 -8.04 6.19 -3.83
CA GLY B 166 -7.68 4.81 -3.57
C GLY B 166 -8.72 4.07 -2.77
N SER B 167 -9.50 4.79 -1.97
CA SER B 167 -10.58 4.15 -1.23
C SER B 167 -11.76 3.80 -2.14
N PHE B 168 -12.07 4.66 -3.12
CA PHE B 168 -13.07 4.29 -4.12
C PHE B 168 -12.55 3.22 -5.06
N ILE B 169 -11.25 3.22 -5.36
CA ILE B 169 -10.76 2.36 -6.45
C ILE B 169 -10.84 0.90 -6.05
N TYR B 170 -10.74 0.61 -4.75
CA TYR B 170 -11.11 -0.70 -4.25
C TYR B 170 -12.45 -1.15 -4.81
N ALA B 171 -13.49 -0.33 -4.62
CA ALA B 171 -14.81 -0.67 -5.10
C ALA B 171 -14.85 -0.76 -6.62
N TRP B 172 -14.08 0.08 -7.30
CA TRP B 172 -14.05 0.03 -8.75
C TRP B 172 -13.54 -1.33 -9.26
N PHE B 173 -12.48 -1.86 -8.66
CA PHE B 173 -11.87 -3.08 -9.14
C PHE B 173 -12.51 -4.33 -8.57
N GLU B 174 -13.21 -4.24 -7.46
CA GLU B 174 -13.83 -5.40 -6.84
C GLU B 174 -15.30 -5.54 -7.17
N MET B 175 -15.89 -4.62 -7.95
CA MET B 175 -17.32 -4.89 -8.11
C MET B 175 -17.59 -5.61 -9.42
N PRO B 176 -18.69 -6.38 -9.50
CA PRO B 176 -18.92 -7.22 -10.68
C PRO B 176 -19.29 -6.42 -11.93
N ILE B 177 -18.31 -5.83 -12.59
CA ILE B 177 -18.55 -5.03 -13.77
C ILE B 177 -17.44 -5.28 -14.77
N GLU B 178 -17.71 -4.91 -16.02
CA GLU B 178 -16.68 -4.88 -17.05
C GLU B 178 -16.00 -3.52 -16.99
N ARG B 179 -14.67 -3.52 -16.89
CA ARG B 179 -13.92 -2.29 -16.71
C ARG B 179 -12.99 -2.02 -17.87
N PRO B 180 -12.90 -0.77 -18.33
CA PRO B 180 -11.91 -0.45 -19.37
C PRO B 180 -10.51 -0.74 -18.84
N GLU B 181 -9.69 -1.35 -19.69
CA GLU B 181 -8.33 -1.67 -19.26
C GLU B 181 -7.55 -0.39 -19.03
N LEU B 182 -7.13 -0.18 -17.77
CA LEU B 182 -6.41 1.02 -17.35
C LEU B 182 -5.19 0.56 -16.56
N PRO B 183 -4.08 0.26 -17.26
CA PRO B 183 -2.95 -0.44 -16.61
C PRO B 183 -2.26 0.35 -15.52
N HIS B 184 -1.91 1.61 -15.77
CA HIS B 184 -1.25 2.40 -14.74
C HIS B 184 -2.17 2.63 -13.55
N LEU B 185 -3.49 2.68 -13.78
CA LEU B 185 -4.41 2.71 -12.65
C LEU B 185 -4.33 1.42 -11.85
N GLN B 186 -4.21 0.29 -12.53
CA GLN B 186 -4.24 -1.00 -11.84
C GLN B 186 -2.95 -1.29 -11.10
N ALA B 187 -1.80 -0.96 -11.72
CA ALA B 187 -0.54 -1.12 -11.01
C ALA B 187 -0.51 -0.25 -9.78
N TRP B 188 -1.05 0.96 -9.88
CA TRP B 188 -1.24 1.80 -8.71
C TRP B 188 -2.11 1.12 -7.66
N TYR B 189 -3.23 0.53 -8.09
CA TYR B 189 -4.07 -0.25 -7.18
C TYR B 189 -3.28 -1.37 -6.53
N ALA B 190 -2.41 -2.04 -7.31
CA ALA B 190 -1.61 -3.13 -6.77
C ALA B 190 -0.66 -2.65 -5.69
N ARG B 191 -0.16 -1.42 -5.80
CA ARG B 191 0.70 -0.87 -4.76
C ARG B 191 -0.06 -0.51 -3.50
N LEU B 192 -1.36 -0.27 -3.59
CA LEU B 192 -2.13 -0.02 -2.38
C LEU B 192 -2.47 -1.32 -1.66
N ARG B 193 -2.65 -2.41 -2.41
CA ARG B 193 -3.11 -3.66 -1.82
C ARG B 193 -2.06 -4.29 -0.91
N VAL B 194 -0.81 -3.85 -1.00
CA VAL B 194 0.24 -4.35 -0.13
C VAL B 194 0.49 -3.41 1.05
N ARG B 195 -0.38 -2.42 1.25
CA ARG B 195 -0.28 -1.55 2.41
C ARG B 195 -1.16 -2.10 3.51
N PRO B 196 -0.58 -2.54 4.64
CA PRO B 196 -1.42 -3.14 5.69
C PRO B 196 -2.57 -2.25 6.12
N ALA B 197 -2.34 -0.94 6.22
CA ALA B 197 -3.38 -0.04 6.67
C ALA B 197 -4.50 0.05 5.65
N TYR B 198 -4.19 -0.11 4.36
CA TYR B 198 -5.22 -0.15 3.34
C TYR B 198 -5.98 -1.46 3.40
N GLN B 199 -5.26 -2.59 3.55
CA GLN B 199 -5.90 -3.88 3.76
C GLN B 199 -6.81 -3.82 4.97
N ARG B 200 -6.35 -3.18 6.04
CA ARG B 200 -7.12 -3.13 7.28
C ARG B 200 -8.31 -2.18 7.16
N GLY B 201 -8.09 -0.98 6.65
CA GLY B 201 -9.09 0.07 6.66
C GLY B 201 -9.99 0.17 5.44
N VAL B 202 -9.59 -0.40 4.32
CA VAL B 202 -10.32 -0.27 3.06
C VAL B 202 -10.93 -1.59 2.62
N MET B 203 -10.14 -2.67 2.61
CA MET B 203 -10.52 -3.90 1.94
C MET B 203 -11.41 -4.78 2.83
N THR B 204 -12.53 -4.21 3.26
CA THR B 204 -13.58 -4.98 3.90
C THR B 204 -14.49 -5.57 2.82
N ALA B 205 -15.60 -6.17 3.26
CA ALA B 205 -16.57 -6.74 2.33
C ALA B 205 -17.24 -5.65 1.50
N LEU B 206 -17.34 -5.89 0.19
CA LEU B 206 -17.96 -4.93 -0.72
C LEU B 206 -19.47 -5.09 -0.69
N THR B 207 -20.06 -4.67 0.42
CA THR B 207 -21.51 -4.66 0.55
C THR B 207 -22.03 -3.22 0.62
N MET C 1 8.45 5.27 -15.56
CA MET C 1 7.53 4.85 -16.62
C MET C 1 7.60 3.40 -17.11
N PRO C 2 8.75 2.68 -16.97
CA PRO C 2 8.75 1.25 -17.34
C PRO C 2 7.77 0.44 -16.49
N ALA C 3 7.33 -0.68 -17.06
CA ALA C 3 6.43 -1.59 -16.37
C ALA C 3 7.11 -2.33 -15.22
N ILE C 4 8.44 -2.33 -15.13
CA ILE C 4 9.17 -3.01 -14.06
C ILE C 4 9.82 -1.95 -13.19
N THR C 5 9.53 -2.00 -11.90
CA THR C 5 10.10 -1.10 -10.90
C THR C 5 10.70 -1.94 -9.78
N ILE C 6 11.88 -1.56 -9.30
CA ILE C 6 12.54 -2.24 -8.20
C ILE C 6 12.80 -1.24 -7.09
N TRP C 7 12.17 -1.47 -5.94
CA TRP C 7 12.34 -0.63 -4.77
C TRP C 7 13.42 -1.20 -3.87
N GLY C 8 14.30 -0.35 -3.37
CA GLY C 8 15.21 -0.74 -2.32
C GLY C 8 16.55 -0.04 -2.42
N ARG C 9 17.21 0.06 -1.25
CA ARG C 9 18.54 0.64 -1.18
C ARG C 9 19.53 -0.19 -2.00
N ARG C 10 20.24 0.49 -2.90
CA ARG C 10 21.17 -0.19 -3.78
C ARG C 10 22.38 -0.77 -3.05
N ASN C 11 22.62 -0.37 -1.81
CA ASN C 11 23.70 -0.93 -1.01
C ASN C 11 23.28 -2.17 -0.24
N SER C 12 22.13 -2.75 -0.57
CA SER C 12 21.66 -4.01 0.00
C SER C 12 21.98 -5.15 -0.97
N SER C 13 22.70 -6.16 -0.47
CA SER C 13 23.02 -7.31 -1.30
C SER C 13 21.75 -8.03 -1.77
N ASN C 14 20.69 -7.98 -0.98
CA ASN C 14 19.41 -8.52 -1.44
C ASN C 14 18.85 -7.70 -2.60
N VAL C 15 19.00 -6.38 -2.57
CA VAL C 15 18.58 -5.57 -3.71
C VAL C 15 19.52 -5.79 -4.89
N ARG C 16 20.81 -5.97 -4.59
CA ARG C 16 21.78 -6.30 -5.64
C ARG C 16 21.31 -7.50 -6.44
N LYS C 17 20.85 -8.55 -5.76
CA LYS C 17 20.31 -9.71 -6.44
C LYS C 17 19.33 -9.30 -7.52
N ALA C 18 18.33 -8.51 -7.15
CA ALA C 18 17.29 -8.16 -8.10
C ALA C 18 17.84 -7.27 -9.21
N LEU C 19 18.72 -6.32 -8.87
CA LEU C 19 19.26 -5.43 -9.88
C LEU C 19 20.12 -6.18 -10.87
N TRP C 20 20.91 -7.13 -10.38
CA TRP C 20 21.82 -7.85 -11.26
C TRP C 20 21.03 -8.71 -12.24
N CYS C 21 20.05 -9.45 -11.73
CA CYS C 21 19.23 -10.29 -12.58
C CYS C 21 18.47 -9.46 -13.61
N ALA C 22 18.02 -8.26 -13.21
CA ALA C 22 17.37 -7.35 -14.15
C ALA C 22 18.34 -6.91 -15.24
N GLU C 23 19.56 -6.55 -14.84
CA GLU C 23 20.60 -6.21 -15.82
C GLU C 23 20.88 -7.39 -16.74
N GLU C 24 21.02 -8.60 -16.17
CA GLU C 24 21.19 -9.79 -17.01
C GLU C 24 20.06 -9.92 -18.02
N ALA C 25 18.82 -9.73 -17.55
CA ALA C 25 17.66 -9.92 -18.40
C ALA C 25 17.67 -8.97 -19.58
N GLY C 26 18.22 -7.76 -19.40
CA GLY C 26 18.08 -6.69 -20.35
C GLY C 26 16.75 -5.95 -20.31
N VAL C 27 15.89 -6.21 -19.31
CA VAL C 27 14.59 -5.52 -19.27
C VAL C 27 14.78 -4.05 -18.96
N ALA C 28 13.80 -3.25 -19.38
CA ALA C 28 13.69 -1.87 -18.94
C ALA C 28 13.12 -1.83 -17.51
N TYR C 29 13.78 -1.09 -16.62
CA TYR C 29 13.32 -1.06 -15.24
C TYR C 29 13.80 0.22 -14.58
N THR C 30 13.14 0.57 -13.48
CA THR C 30 13.50 1.73 -12.66
C THR C 30 13.88 1.28 -11.26
N SER C 31 14.98 1.83 -10.74
CA SER C 31 15.41 1.54 -9.38
C SER C 31 15.08 2.73 -8.48
N ILE C 32 14.23 2.49 -7.49
CA ILE C 32 13.76 3.53 -6.57
C ILE C 32 14.35 3.21 -5.19
N GLU C 33 15.25 4.08 -4.71
CA GLU C 33 15.93 3.85 -3.43
C GLU C 33 15.10 4.41 -2.28
N VAL C 34 14.03 3.69 -1.94
CA VAL C 34 13.23 3.88 -0.73
C VAL C 34 12.76 2.51 -0.25
N GLY C 35 11.72 2.49 0.58
CA GLY C 35 11.11 1.22 0.99
C GLY C 35 9.71 0.94 0.46
N GLY C 36 9.56 -0.18 -0.23
CA GLY C 36 8.27 -0.61 -0.78
C GLY C 36 7.36 -1.33 0.21
N ALA C 37 7.80 -2.47 0.74
CA ALA C 37 7.00 -3.24 1.70
C ALA C 37 7.91 -3.68 2.85
N PHE C 38 8.03 -2.82 3.85
CA PHE C 38 8.69 -3.14 5.11
C PHE C 38 8.62 -1.95 6.05
N VAL C 54 17.95 -4.32 3.83
CA VAL C 54 16.62 -4.03 3.31
C VAL C 54 16.22 -5.08 2.29
N VAL C 55 14.92 -5.35 2.24
CA VAL C 55 14.36 -6.32 1.31
C VAL C 55 13.81 -5.56 0.11
N PRO C 56 14.23 -5.90 -1.11
CA PRO C 56 13.71 -5.20 -2.28
C PRO C 56 12.26 -5.57 -2.54
N THR C 57 11.56 -4.67 -3.22
CA THR C 57 10.23 -4.96 -3.75
C THR C 57 10.30 -4.79 -5.25
N LEU C 58 9.74 -5.74 -5.99
CA LEU C 58 9.65 -5.66 -7.44
C LEU C 58 8.19 -5.60 -7.84
N GLN C 59 7.86 -4.70 -8.75
CA GLN C 59 6.55 -4.68 -9.36
C GLN C 59 6.67 -4.84 -10.87
N ASP C 60 5.81 -5.66 -11.44
CA ASP C 60 5.68 -5.82 -12.89
C ASP C 60 4.18 -5.85 -13.16
N GLY C 61 3.65 -4.71 -13.64
CA GLY C 61 2.22 -4.54 -13.74
C GLY C 61 1.53 -4.76 -12.41
N ALA C 62 0.59 -5.71 -12.36
CA ALA C 62 -0.12 -6.03 -11.14
C ALA C 62 0.63 -7.00 -10.25
N LEU C 63 1.79 -7.50 -10.69
CA LEU C 63 2.58 -8.38 -9.84
C LEU C 63 3.45 -7.55 -8.92
N VAL C 64 3.39 -7.83 -7.62
CA VAL C 64 4.21 -7.15 -6.61
C VAL C 64 4.88 -8.22 -5.75
N LEU C 65 6.20 -8.17 -5.67
CA LEU C 65 7.06 -9.24 -5.17
C LEU C 65 8.05 -8.69 -4.16
N TRP C 66 8.28 -9.39 -3.05
CA TRP C 66 9.11 -8.82 -1.99
C TRP C 66 10.02 -9.86 -1.34
N GLU C 67 10.59 -10.76 -2.13
CA GLU C 67 11.64 -11.65 -1.64
C GLU C 67 12.69 -11.71 -2.74
N SER C 68 13.95 -11.40 -2.39
CA SER C 68 14.96 -11.25 -3.43
C SER C 68 15.11 -12.50 -4.28
N ASN C 69 15.19 -13.68 -3.64
CA ASN C 69 15.37 -14.91 -4.41
C ASN C 69 14.16 -15.23 -5.30
N ALA C 70 12.94 -15.00 -4.79
CA ALA C 70 11.77 -15.22 -5.62
C ALA C 70 11.72 -14.22 -6.76
N ILE C 71 12.09 -12.97 -6.48
CA ILE C 71 12.23 -11.93 -7.52
C ILE C 71 13.17 -12.41 -8.61
N VAL C 72 14.32 -12.96 -8.22
CA VAL C 72 15.31 -13.42 -9.20
C VAL C 72 14.74 -14.59 -10.01
N ARG C 73 14.12 -15.54 -9.33
CA ARG C 73 13.52 -16.68 -10.01
C ARG C 73 12.45 -16.21 -11.00
N TYR C 74 11.66 -15.21 -10.62
CA TYR C 74 10.65 -14.69 -11.53
C TYR C 74 11.29 -14.03 -12.75
N LEU C 75 12.24 -13.11 -12.54
CA LEU C 75 12.84 -12.39 -13.65
C LEU C 75 13.56 -13.33 -14.61
N ALA C 76 14.28 -14.32 -14.05
CA ALA C 76 14.95 -15.29 -14.91
C ALA C 76 13.93 -16.04 -15.76
N ALA C 77 12.91 -16.61 -15.13
CA ALA C 77 11.95 -17.44 -15.87
C ALA C 77 11.12 -16.61 -16.84
N GLN C 78 10.71 -15.41 -16.44
CA GLN C 78 9.89 -14.58 -17.33
C GLN C 78 10.71 -14.00 -18.48
N TYR C 79 11.95 -13.57 -18.21
CA TYR C 79 12.66 -12.71 -19.14
C TYR C 79 14.07 -13.17 -19.54
N ALA C 80 14.71 -14.06 -18.79
CA ALA C 80 16.08 -14.50 -19.11
C ALA C 80 16.15 -16.02 -19.03
N PRO C 81 15.37 -16.72 -19.86
CA PRO C 81 15.16 -18.16 -19.64
C PRO C 81 16.43 -18.97 -19.69
N ALA C 82 17.49 -18.50 -20.37
CA ALA C 82 18.78 -19.17 -20.29
C ALA C 82 19.26 -19.30 -18.85
N LEU C 83 18.81 -18.43 -17.96
CA LEU C 83 19.17 -18.49 -16.55
C LEU C 83 18.18 -19.29 -15.72
N TYR C 84 17.11 -19.80 -16.32
CA TYR C 84 16.15 -20.67 -15.64
C TYR C 84 16.26 -22.05 -16.29
N PRO C 85 17.04 -22.96 -15.72
CA PRO C 85 17.17 -24.30 -16.30
C PRO C 85 15.80 -24.96 -16.40
N GLN C 86 15.51 -25.52 -17.58
CA GLN C 86 14.14 -25.98 -17.82
C GLN C 86 13.82 -27.24 -17.03
N ALA C 87 14.79 -28.14 -16.85
CA ALA C 87 14.46 -29.40 -16.19
C ALA C 87 14.57 -29.28 -14.67
N PRO C 88 13.67 -29.91 -13.92
CA PRO C 88 13.71 -29.78 -12.46
C PRO C 88 14.99 -30.28 -11.82
N ALA C 89 15.59 -31.36 -12.34
CA ALA C 89 16.81 -31.86 -11.74
C ALA C 89 17.98 -30.91 -11.95
N GLU C 90 18.14 -30.39 -13.17
CA GLU C 90 19.21 -29.43 -13.39
C GLU C 90 18.93 -28.11 -12.69
N ARG C 91 17.65 -27.72 -12.62
CA ARG C 91 17.32 -26.47 -11.93
C ARG C 91 17.71 -26.55 -10.46
N ALA C 92 17.54 -27.72 -9.85
CA ALA C 92 17.71 -27.83 -8.40
C ALA C 92 19.15 -27.67 -7.98
N LEU C 93 20.10 -27.97 -8.88
CA LEU C 93 21.51 -27.73 -8.60
C LEU C 93 21.74 -26.30 -8.13
N GLY C 94 21.18 -25.33 -8.85
CA GLY C 94 21.28 -23.94 -8.44
C GLY C 94 20.32 -23.57 -7.32
N ASP C 95 19.13 -24.17 -7.32
CA ASP C 95 18.07 -23.78 -6.39
C ASP C 95 18.51 -23.96 -4.94
N ARG C 96 19.16 -25.08 -4.64
CA ARG C 96 19.62 -25.31 -3.28
C ARG C 96 20.61 -24.25 -2.83
N TRP C 97 21.45 -23.76 -3.75
CA TRP C 97 22.40 -22.70 -3.38
C TRP C 97 21.70 -21.38 -3.12
N MET C 98 20.57 -21.10 -3.77
CA MET C 98 19.81 -19.89 -3.47
C MET C 98 19.23 -19.96 -2.06
N ASP C 99 18.54 -21.06 -1.75
CA ASP C 99 17.97 -21.24 -0.43
C ASP C 99 19.06 -21.22 0.64
N TRP C 100 20.19 -21.87 0.34
CA TRP C 100 21.30 -21.96 1.28
C TRP C 100 21.85 -20.58 1.62
N THR C 101 21.94 -19.71 0.63
CA THR C 101 22.37 -18.34 0.91
C THR C 101 21.47 -17.72 1.96
N THR C 102 20.16 -17.73 1.70
CA THR C 102 19.20 -17.12 2.60
C THR C 102 19.19 -17.81 3.96
N SER C 103 19.23 -19.14 3.97
CA SER C 103 18.96 -19.89 5.20
C SER C 103 20.18 -20.00 6.11
N THR C 104 21.38 -20.09 5.55
CA THR C 104 22.58 -20.42 6.32
C THR C 104 23.64 -19.33 6.29
N PHE C 105 23.92 -18.76 5.11
CA PHE C 105 25.05 -17.84 4.98
C PHE C 105 24.68 -16.41 5.36
N ALA C 106 23.54 -15.92 4.87
CA ALA C 106 23.31 -14.48 4.83
C ALA C 106 23.22 -13.86 6.22
N GLY C 107 22.66 -14.59 7.19
CA GLY C 107 22.49 -14.02 8.51
C GLY C 107 23.81 -13.69 9.19
N VAL C 108 24.74 -14.66 9.20
CA VAL C 108 26.02 -14.42 9.87
C VAL C 108 26.86 -13.44 9.08
N PHE C 109 26.87 -13.54 7.75
CA PHE C 109 27.66 -12.60 6.97
C PHE C 109 27.16 -11.19 7.10
N ARG C 110 25.85 -11.00 7.24
CA ARG C 110 25.34 -9.66 7.48
C ARG C 110 25.78 -9.16 8.85
N ASP C 111 25.92 -10.07 9.82
CA ASP C 111 26.42 -9.68 11.12
C ASP C 111 27.88 -9.24 11.02
N LEU C 112 28.71 -10.07 10.39
CA LEU C 112 30.09 -9.69 10.12
C LEU C 112 30.18 -8.32 9.46
N PHE C 113 29.34 -8.08 8.45
CA PHE C 113 29.42 -6.83 7.71
C PHE C 113 29.04 -5.64 8.56
N TRP C 114 27.95 -5.75 9.34
CA TRP C 114 27.54 -4.67 10.22
C TRP C 114 28.64 -4.34 11.23
N GLY C 115 29.19 -5.37 11.87
CA GLY C 115 30.18 -5.17 12.90
C GLY C 115 31.49 -4.58 12.42
N VAL C 116 31.76 -4.64 11.12
CA VAL C 116 33.04 -4.21 10.56
C VAL C 116 32.88 -2.93 9.74
N VAL C 117 31.92 -2.92 8.82
CA VAL C 117 31.76 -1.78 7.92
C VAL C 117 30.90 -0.71 8.54
N ARG C 118 29.87 -1.09 9.28
CA ARG C 118 28.88 -0.15 9.77
C ARG C 118 29.11 0.28 11.21
N THR C 119 29.88 -0.47 11.98
CA THR C 119 30.19 -0.10 13.35
C THR C 119 31.51 0.67 13.38
N PRO C 120 31.54 1.86 14.00
CA PRO C 120 32.83 2.55 14.20
C PRO C 120 33.76 1.72 15.06
N GLU C 121 35.06 2.01 14.93
CA GLU C 121 36.07 1.11 15.48
C GLU C 121 35.95 0.98 17.00
N ALA C 122 35.88 2.10 17.70
CA ALA C 122 35.85 2.05 19.15
C ALA C 122 34.60 1.37 19.70
N GLU C 123 33.64 1.04 18.84
CA GLU C 123 32.39 0.42 19.26
C GLU C 123 32.27 -1.03 18.85
N ARG C 124 33.18 -1.56 18.04
CA ARG C 124 32.97 -2.85 17.44
C ARG C 124 33.40 -3.97 18.37
N ASP C 125 32.62 -5.05 18.36
CA ASP C 125 32.81 -6.18 19.27
C ASP C 125 33.68 -7.21 18.56
N HIS C 126 34.93 -7.34 19.01
CA HIS C 126 35.89 -8.18 18.31
C HIS C 126 35.58 -9.67 18.50
N ALA C 127 35.05 -10.06 19.65
CA ALA C 127 34.68 -11.46 19.84
C ALA C 127 33.59 -11.87 18.87
N ARG C 128 32.66 -10.96 18.58
CA ARG C 128 31.55 -11.25 17.67
C ARG C 128 32.02 -11.26 16.22
N ILE C 129 32.83 -10.28 15.83
CA ILE C 129 33.34 -10.25 14.47
C ILE C 129 34.17 -11.50 14.19
N ALA C 130 34.92 -11.96 15.20
CA ALA C 130 35.76 -13.13 15.02
C ALA C 130 34.91 -14.39 14.82
N ALA C 131 33.84 -14.53 15.59
CA ALA C 131 32.97 -15.69 15.42
C ALA C 131 32.29 -15.68 14.06
N ALA C 132 31.79 -14.51 13.64
CA ALA C 132 31.07 -14.41 12.37
C ALA C 132 32.00 -14.58 11.18
N LEU C 133 33.26 -14.16 11.30
CA LEU C 133 34.21 -14.33 10.21
C LEU C 133 34.62 -15.79 10.06
N THR C 134 34.92 -16.45 11.18
CA THR C 134 35.15 -17.89 11.16
C THR C 134 34.01 -18.62 10.47
N GLN C 135 32.78 -18.38 10.94
CA GLN C 135 31.62 -19.10 10.41
C GLN C 135 31.45 -18.87 8.92
N SER C 136 31.38 -17.59 8.52
CA SER C 136 31.32 -17.25 7.10
C SER C 136 32.39 -17.99 6.31
N GLY C 137 33.63 -17.93 6.80
CA GLY C 137 34.71 -18.66 6.15
C GLY C 137 34.42 -20.14 6.01
N GLU C 138 33.96 -20.77 7.09
CA GLU C 138 33.72 -22.21 7.03
C GLU C 138 32.56 -22.54 6.10
N LEU C 139 31.53 -21.68 6.05
CA LEU C 139 30.44 -21.89 5.11
C LEU C 139 30.90 -21.69 3.67
N LEU C 140 31.69 -20.65 3.41
CA LEU C 140 32.15 -20.42 2.05
C LEU C 140 33.07 -21.55 1.58
N ALA C 141 33.78 -22.20 2.52
CA ALA C 141 34.59 -23.37 2.17
C ALA C 141 33.77 -24.46 1.49
N ARG C 142 32.53 -24.66 1.92
CA ARG C 142 31.66 -25.64 1.27
C ARG C 142 31.25 -25.19 -0.12
N ALA C 143 31.00 -23.88 -0.28
CA ALA C 143 30.82 -23.34 -1.62
C ALA C 143 32.08 -23.53 -2.45
N ASP C 144 33.25 -23.28 -1.84
CA ASP C 144 34.50 -23.50 -2.54
C ASP C 144 34.63 -24.95 -2.99
N ALA C 145 34.17 -25.88 -2.16
CA ALA C 145 34.16 -27.29 -2.53
C ALA C 145 33.33 -27.52 -3.78
N ALA C 146 32.11 -27.00 -3.81
CA ALA C 146 31.24 -27.22 -4.96
C ALA C 146 31.84 -26.62 -6.23
N LEU C 147 32.51 -25.48 -6.12
CA LEU C 147 33.12 -24.82 -7.27
C LEU C 147 34.48 -25.38 -7.60
N ALA C 148 34.93 -26.40 -6.86
CA ALA C 148 36.05 -27.20 -7.31
C ALA C 148 35.60 -28.21 -8.34
N GLN C 149 34.31 -28.58 -8.31
CA GLN C 149 33.76 -29.59 -9.21
C GLN C 149 33.04 -29.02 -10.41
N GLN C 150 32.44 -27.83 -10.32
CA GLN C 150 31.79 -27.21 -11.46
C GLN C 150 32.14 -25.73 -11.46
N PRO C 151 32.14 -25.08 -12.63
CA PRO C 151 32.53 -23.65 -12.67
C PRO C 151 31.50 -22.74 -12.01
N TYR C 152 30.26 -23.20 -11.83
CA TYR C 152 29.21 -22.39 -11.24
C TYR C 152 28.41 -23.16 -10.22
N LEU C 153 27.70 -22.40 -9.38
CA LEU C 153 26.78 -23.00 -8.44
C LEU C 153 25.57 -23.55 -9.16
N SER C 154 25.25 -23.01 -10.33
CA SER C 154 24.20 -23.55 -11.17
C SER C 154 24.63 -24.78 -11.95
N GLY C 155 25.92 -25.11 -11.94
CA GLY C 155 26.41 -26.26 -12.68
C GLY C 155 27.42 -25.90 -13.76
N GLY C 156 27.14 -26.30 -14.99
CA GLY C 156 28.10 -26.15 -16.07
C GLY C 156 28.09 -24.77 -16.70
N ARG C 157 27.00 -24.03 -16.50
CA ARG C 157 26.89 -22.69 -17.03
C ARG C 157 26.32 -21.79 -15.94
N PHE C 158 26.37 -20.49 -16.20
CA PHE C 158 25.86 -19.50 -15.26
C PHE C 158 24.34 -19.45 -15.37
N ALA C 159 23.69 -19.30 -14.22
CA ALA C 159 22.23 -19.28 -14.15
C ALA C 159 21.83 -18.73 -12.79
N MET C 160 20.50 -18.76 -12.52
CA MET C 160 19.86 -18.34 -11.27
C MET C 160 20.68 -18.61 -10.02
N GLY C 161 21.13 -19.87 -9.86
CA GLY C 161 21.71 -20.30 -8.60
C GLY C 161 22.89 -19.48 -8.15
N ASP C 162 23.57 -18.83 -9.09
CA ASP C 162 24.76 -18.09 -8.76
C ASP C 162 24.47 -16.69 -8.23
N ILE C 163 23.28 -16.14 -8.51
CA ILE C 163 23.03 -14.73 -8.25
C ILE C 163 22.94 -14.39 -6.77
N PRO C 164 22.16 -15.12 -5.93
CA PRO C 164 22.13 -14.75 -4.50
C PRO C 164 23.50 -14.73 -3.83
N LEU C 165 24.22 -15.84 -3.83
CA LEU C 165 25.53 -15.82 -3.18
C LEU C 165 26.51 -14.90 -3.92
N GLY C 166 26.44 -14.89 -5.26
CA GLY C 166 27.27 -13.96 -6.00
C GLY C 166 27.06 -12.53 -5.55
N SER C 167 25.81 -12.17 -5.21
CA SER C 167 25.52 -10.82 -4.76
C SER C 167 26.20 -10.51 -3.44
N PHE C 168 26.38 -11.50 -2.56
CA PHE C 168 27.08 -11.28 -1.31
C PHE C 168 28.59 -11.35 -1.46
N ILE C 169 29.07 -12.20 -2.38
CA ILE C 169 30.49 -12.49 -2.44
C ILE C 169 31.29 -11.26 -2.81
N TYR C 170 30.68 -10.29 -3.51
CA TYR C 170 31.37 -9.03 -3.77
C TYR C 170 31.75 -8.32 -2.47
N ALA C 171 30.82 -8.25 -1.51
CA ALA C 171 31.14 -7.66 -0.21
C ALA C 171 32.24 -8.45 0.51
N TRP C 172 32.19 -9.78 0.38
CA TRP C 172 33.20 -10.64 1.01
C TRP C 172 34.61 -10.30 0.54
N PHE C 173 34.82 -10.23 -0.77
CA PHE C 173 36.15 -9.96 -1.28
C PHE C 173 36.58 -8.50 -1.11
N GLU C 174 35.65 -7.60 -0.81
CA GLU C 174 35.96 -6.19 -0.73
C GLU C 174 36.11 -5.67 0.69
N MET C 175 35.56 -6.36 1.70
CA MET C 175 35.66 -5.87 3.07
C MET C 175 37.10 -5.93 3.60
N PRO C 176 37.43 -5.09 4.59
CA PRO C 176 38.77 -5.12 5.21
C PRO C 176 38.90 -6.22 6.25
N ILE C 177 39.13 -7.45 5.79
CA ILE C 177 39.16 -8.61 6.67
C ILE C 177 40.24 -9.54 6.16
N GLU C 178 40.78 -10.35 7.07
CA GLU C 178 41.72 -11.40 6.70
C GLU C 178 40.89 -12.61 6.31
N ARG C 179 40.81 -12.90 5.02
CA ARG C 179 39.94 -14.02 4.69
C ARG C 179 40.74 -15.23 4.25
N PRO C 180 40.15 -16.42 4.39
CA PRO C 180 40.89 -17.65 4.07
C PRO C 180 41.07 -17.84 2.57
N GLU C 181 42.11 -18.60 2.23
CA GLU C 181 42.42 -18.93 0.84
C GLU C 181 41.44 -20.00 0.38
N LEU C 182 40.47 -19.59 -0.44
CA LEU C 182 39.49 -20.49 -1.04
C LEU C 182 39.55 -20.27 -2.53
N PRO C 183 40.46 -20.96 -3.24
CA PRO C 183 40.79 -20.55 -4.62
C PRO C 183 39.69 -20.83 -5.63
N HIS C 184 38.83 -21.82 -5.41
CA HIS C 184 37.74 -22.06 -6.35
C HIS C 184 36.65 -21.03 -6.20
N LEU C 185 36.39 -20.61 -4.95
CA LEU C 185 35.49 -19.49 -4.70
C LEU C 185 36.01 -18.22 -5.37
N GLN C 186 37.33 -18.01 -5.34
CA GLN C 186 37.87 -16.82 -5.96
C GLN C 186 37.83 -16.90 -7.48
N ALA C 187 38.19 -18.05 -8.06
CA ALA C 187 38.02 -18.20 -9.50
C ALA C 187 36.58 -17.97 -9.92
N TRP C 188 35.63 -18.41 -9.09
CA TRP C 188 34.22 -18.23 -9.40
C TRP C 188 33.85 -16.75 -9.40
N TYR C 189 34.45 -15.97 -8.48
CA TYR C 189 34.17 -14.54 -8.41
C TYR C 189 34.83 -13.79 -9.56
N ALA C 190 36.00 -14.23 -10.00
CA ALA C 190 36.59 -13.67 -11.21
C ALA C 190 35.76 -13.97 -12.45
N ARG C 191 34.93 -15.02 -12.41
CA ARG C 191 33.97 -15.24 -13.49
C ARG C 191 32.80 -14.27 -13.40
N LEU C 192 32.32 -13.99 -12.18
CA LEU C 192 31.21 -13.04 -12.04
C LEU C 192 31.67 -11.61 -12.31
N ARG C 193 32.86 -11.25 -11.81
CA ARG C 193 33.39 -9.88 -11.92
C ARG C 193 33.26 -9.31 -13.32
N VAL C 194 33.48 -10.15 -14.36
CA VAL C 194 33.57 -9.63 -15.72
C VAL C 194 32.24 -9.65 -16.45
N ARG C 195 31.19 -10.16 -15.84
CA ARG C 195 29.90 -10.00 -16.45
C ARG C 195 29.44 -8.57 -16.23
N PRO C 196 29.15 -7.80 -17.29
CA PRO C 196 28.79 -6.39 -17.08
C PRO C 196 27.55 -6.20 -16.24
N ALA C 197 26.56 -7.08 -16.41
CA ALA C 197 25.37 -7.04 -15.56
C ALA C 197 25.77 -7.11 -14.09
N TYR C 198 26.82 -7.88 -13.77
CA TYR C 198 27.28 -7.99 -12.39
C TYR C 198 27.93 -6.68 -11.93
N GLN C 199 28.73 -6.06 -12.80
CA GLN C 199 29.38 -4.81 -12.43
C GLN C 199 28.35 -3.72 -12.20
N ARG C 200 27.31 -3.66 -13.04
CA ARG C 200 26.31 -2.61 -12.90
C ARG C 200 25.41 -2.86 -11.69
N GLY C 201 24.99 -4.10 -11.49
CA GLY C 201 23.98 -4.34 -10.48
C GLY C 201 24.52 -4.65 -9.11
N VAL C 202 25.77 -5.07 -9.01
CA VAL C 202 26.35 -5.52 -7.74
C VAL C 202 27.50 -4.62 -7.29
N MET C 203 28.45 -4.33 -8.19
CA MET C 203 29.73 -3.75 -7.79
C MET C 203 29.60 -2.25 -7.57
N THR C 204 28.95 -1.91 -6.46
CA THR C 204 28.60 -0.54 -6.11
C THR C 204 29.08 -0.26 -4.68
N ALA C 205 28.89 0.97 -4.23
CA ALA C 205 29.48 1.42 -2.97
C ALA C 205 29.03 0.54 -1.81
N LEU C 206 30.00 -0.08 -1.13
CA LEU C 206 29.74 -0.96 0.02
C LEU C 206 29.56 -0.12 1.28
N THR C 207 28.34 0.35 1.49
CA THR C 207 28.07 1.11 2.71
C THR C 207 27.08 0.39 3.62
N MET D 1 14.00 -51.36 -2.79
CA MET D 1 14.03 -50.09 -2.07
C MET D 1 13.84 -48.89 -3.00
N PRO D 2 13.22 -47.83 -2.49
CA PRO D 2 12.82 -46.71 -3.35
C PRO D 2 14.02 -45.89 -3.83
N ALA D 3 13.80 -45.21 -4.96
CA ALA D 3 14.82 -44.32 -5.49
C ALA D 3 14.97 -43.08 -4.64
N ILE D 4 13.86 -42.54 -4.16
CA ILE D 4 13.88 -41.36 -3.29
C ILE D 4 14.09 -41.79 -1.85
N THR D 5 15.06 -41.17 -1.16
CA THR D 5 15.15 -41.29 0.28
C THR D 5 15.33 -39.89 0.88
N ILE D 6 14.70 -39.67 2.04
CA ILE D 6 14.66 -38.37 2.70
C ILE D 6 15.25 -38.54 4.08
N TRP D 7 16.35 -37.84 4.35
CA TRP D 7 17.03 -37.89 5.64
C TRP D 7 16.61 -36.73 6.53
N GLY D 8 16.51 -36.98 7.83
CA GLY D 8 16.26 -35.90 8.78
C GLY D 8 15.16 -36.21 9.78
N ARG D 9 15.26 -35.58 10.96
CA ARG D 9 14.31 -35.85 12.04
C ARG D 9 12.92 -35.39 11.63
N ARG D 10 11.90 -36.21 11.95
CA ARG D 10 10.55 -35.96 11.44
C ARG D 10 9.77 -34.91 12.24
N ASN D 11 10.26 -34.53 13.44
CA ASN D 11 9.69 -33.43 14.19
C ASN D 11 10.23 -32.09 13.72
N SER D 12 10.90 -32.07 12.57
CA SER D 12 11.47 -30.88 11.98
C SER D 12 10.51 -30.30 10.94
N SER D 13 10.10 -29.05 11.15
CA SER D 13 9.22 -28.39 10.20
C SER D 13 9.85 -28.34 8.81
N ASN D 14 11.17 -28.15 8.73
CA ASN D 14 11.81 -28.21 7.43
C ASN D 14 11.75 -29.61 6.85
N VAL D 15 11.88 -30.63 7.70
CA VAL D 15 11.76 -32.00 7.20
C VAL D 15 10.30 -32.31 6.87
N ARG D 16 9.35 -31.73 7.61
CA ARG D 16 7.95 -31.89 7.26
C ARG D 16 7.65 -31.44 5.83
N LYS D 17 8.23 -30.30 5.42
CA LYS D 17 8.03 -29.80 4.07
C LYS D 17 8.27 -30.89 3.03
N ALA D 18 9.42 -31.57 3.15
CA ALA D 18 9.76 -32.61 2.18
C ALA D 18 8.76 -33.77 2.22
N LEU D 19 8.52 -34.32 3.41
CA LEU D 19 7.62 -35.46 3.52
C LEU D 19 6.24 -35.13 2.97
N TRP D 20 5.70 -33.96 3.34
CA TRP D 20 4.37 -33.60 2.89
C TRP D 20 4.33 -33.48 1.38
N CYS D 21 5.37 -32.90 0.79
CA CYS D 21 5.40 -32.75 -0.66
C CYS D 21 5.58 -34.10 -1.32
N ALA D 22 6.44 -34.94 -0.75
CA ALA D 22 6.55 -36.31 -1.22
C ALA D 22 5.21 -37.02 -1.16
N GLU D 23 4.48 -36.87 -0.06
CA GLU D 23 3.16 -37.50 0.07
C GLU D 23 2.19 -36.93 -0.96
N GLU D 24 2.18 -35.60 -1.12
CA GLU D 24 1.31 -34.98 -2.13
C GLU D 24 1.54 -35.56 -3.51
N ALA D 25 2.79 -35.92 -3.83
CA ALA D 25 3.11 -36.49 -5.12
C ALA D 25 2.88 -38.00 -5.17
N GLY D 26 2.75 -38.65 -4.01
CA GLY D 26 2.60 -40.09 -3.97
C GLY D 26 3.75 -40.86 -4.60
N VAL D 27 4.97 -40.52 -4.22
CA VAL D 27 6.14 -41.28 -4.65
C VAL D 27 6.56 -42.19 -3.51
N ALA D 28 7.22 -43.28 -3.87
CA ALA D 28 7.85 -44.12 -2.86
C ALA D 28 9.07 -43.40 -2.29
N TYR D 29 9.23 -43.45 -0.97
CA TYR D 29 10.45 -42.91 -0.39
C TYR D 29 10.80 -43.61 0.91
N THR D 30 12.08 -43.88 1.10
CA THR D 30 12.60 -44.25 2.41
C THR D 30 12.77 -43.00 3.26
N SER D 31 12.39 -43.11 4.52
CA SER D 31 12.52 -42.01 5.47
C SER D 31 13.56 -42.41 6.51
N ILE D 32 14.70 -41.72 6.51
CA ILE D 32 15.78 -42.00 7.44
C ILE D 32 15.89 -40.85 8.44
N GLU D 33 15.77 -41.18 9.71
CA GLU D 33 15.79 -40.24 10.81
C GLU D 33 16.99 -40.53 11.71
N VAL D 34 17.55 -39.49 12.33
CA VAL D 34 18.59 -39.66 13.34
C VAL D 34 18.13 -38.98 14.62
N GLY D 35 18.34 -39.65 15.75
CA GLY D 35 17.84 -39.17 17.01
C GLY D 35 18.90 -39.26 18.11
N GLY D 36 18.65 -38.49 19.17
CA GLY D 36 19.50 -38.52 20.35
C GLY D 36 20.76 -37.68 20.22
N VAL D 54 17.61 -30.30 11.70
CA VAL D 54 16.35 -29.80 11.18
C VAL D 54 16.44 -29.65 9.65
N VAL D 55 17.64 -29.82 9.11
CA VAL D 55 17.92 -29.56 7.69
C VAL D 55 17.83 -30.89 6.94
N PRO D 56 16.84 -31.09 6.10
CA PRO D 56 16.68 -32.39 5.43
C PRO D 56 17.54 -32.51 4.19
N THR D 57 17.85 -33.75 3.86
CA THR D 57 18.53 -34.12 2.63
C THR D 57 17.62 -35.05 1.84
N LEU D 58 17.57 -34.88 0.53
CA LEU D 58 16.85 -35.80 -0.33
C LEU D 58 17.81 -36.35 -1.37
N GLN D 59 17.69 -37.65 -1.62
CA GLN D 59 18.44 -38.32 -2.67
C GLN D 59 17.45 -38.98 -3.63
N ASP D 60 17.56 -38.63 -4.92
CA ASP D 60 16.69 -39.17 -5.96
C ASP D 60 17.61 -39.54 -7.12
N GLY D 61 17.84 -40.83 -7.31
CA GLY D 61 18.92 -41.23 -8.20
C GLY D 61 20.23 -40.67 -7.67
N ALA D 62 21.01 -40.08 -8.57
CA ALA D 62 22.26 -39.46 -8.18
C ALA D 62 22.08 -38.01 -7.73
N LEU D 63 20.86 -37.49 -7.79
CA LEU D 63 20.60 -36.13 -7.33
C LEU D 63 20.55 -36.08 -5.81
N VAL D 64 21.21 -35.09 -5.23
CA VAL D 64 21.21 -34.88 -3.79
C VAL D 64 20.96 -33.40 -3.51
N LEU D 65 19.84 -33.09 -2.86
CA LEU D 65 19.50 -31.73 -2.48
C LEU D 65 19.47 -31.61 -0.97
N TRP D 66 19.73 -30.40 -0.48
CA TRP D 66 19.87 -30.25 0.96
C TRP D 66 19.27 -28.95 1.48
N GLU D 67 18.37 -28.32 0.73
CA GLU D 67 17.59 -27.22 1.26
C GLU D 67 16.13 -27.56 1.08
N SER D 68 15.34 -27.41 2.15
CA SER D 68 13.98 -27.96 2.17
C SER D 68 13.10 -27.30 1.11
N ASN D 69 13.22 -26.00 0.91
CA ASN D 69 12.42 -25.35 -0.11
C ASN D 69 12.83 -25.77 -1.51
N ALA D 70 14.15 -25.92 -1.75
CA ALA D 70 14.58 -26.49 -3.01
C ALA D 70 14.04 -27.90 -3.22
N ILE D 71 13.95 -28.68 -2.14
CA ILE D 71 13.42 -30.03 -2.23
C ILE D 71 11.95 -30.01 -2.62
N VAL D 72 11.18 -29.08 -2.04
CA VAL D 72 9.75 -28.98 -2.35
C VAL D 72 9.56 -28.61 -3.82
N ARG D 73 10.21 -27.53 -4.27
CA ARG D 73 10.13 -27.16 -5.67
C ARG D 73 10.52 -28.31 -6.58
N TYR D 74 11.62 -29.00 -6.27
CA TYR D 74 12.04 -30.11 -7.11
C TYR D 74 10.98 -31.20 -7.17
N LEU D 75 10.50 -31.66 -6.01
CA LEU D 75 9.52 -32.74 -5.99
C LEU D 75 8.24 -32.32 -6.72
N ALA D 76 7.84 -31.06 -6.56
CA ALA D 76 6.64 -30.56 -7.24
C ALA D 76 6.83 -30.55 -8.75
N ALA D 77 7.86 -29.85 -9.23
CA ALA D 77 8.08 -29.78 -10.67
C ALA D 77 8.29 -31.16 -11.27
N GLN D 78 8.95 -32.06 -10.54
CA GLN D 78 9.29 -33.36 -11.12
C GLN D 78 8.13 -34.34 -11.06
N TYR D 79 7.40 -34.39 -9.93
CA TYR D 79 6.43 -35.46 -9.73
C TYR D 79 5.02 -34.99 -9.43
N ALA D 80 4.79 -33.72 -9.12
CA ALA D 80 3.45 -33.24 -8.79
C ALA D 80 3.20 -31.91 -9.50
N PRO D 81 3.18 -31.92 -10.84
CA PRO D 81 3.15 -30.65 -11.58
C PRO D 81 1.90 -29.82 -11.36
N ALA D 82 0.86 -30.37 -10.72
CA ALA D 82 -0.25 -29.52 -10.33
C ALA D 82 0.16 -28.52 -9.26
N LEU D 83 1.20 -28.85 -8.50
CA LEU D 83 1.68 -27.98 -7.44
C LEU D 83 2.74 -26.99 -7.92
N TYR D 84 3.22 -27.12 -9.15
CA TYR D 84 4.19 -26.20 -9.73
C TYR D 84 3.48 -25.37 -10.78
N PRO D 85 3.00 -24.17 -10.45
CA PRO D 85 2.36 -23.33 -11.47
C PRO D 85 3.30 -23.00 -12.62
N GLN D 86 2.77 -23.09 -13.84
CA GLN D 86 3.62 -22.97 -15.01
C GLN D 86 3.93 -21.52 -15.39
N ALA D 87 3.03 -20.60 -15.14
CA ALA D 87 3.37 -19.21 -15.44
C ALA D 87 4.25 -18.63 -14.35
N PRO D 88 5.41 -18.06 -14.70
CA PRO D 88 6.27 -17.45 -13.66
C PRO D 88 5.53 -16.49 -12.75
N ALA D 89 4.68 -15.65 -13.35
CA ALA D 89 3.89 -14.73 -12.54
C ALA D 89 2.98 -15.49 -11.57
N GLU D 90 2.30 -16.54 -12.06
CA GLU D 90 1.45 -17.33 -11.17
C GLU D 90 2.30 -18.06 -10.12
N ARG D 91 3.43 -18.63 -10.54
CA ARG D 91 4.33 -19.28 -9.60
C ARG D 91 4.87 -18.29 -8.57
N ALA D 92 4.98 -17.01 -8.94
CA ALA D 92 5.64 -16.05 -8.06
C ALA D 92 4.84 -15.81 -6.79
N LEU D 93 3.51 -15.93 -6.85
CA LEU D 93 2.66 -15.66 -5.68
C LEU D 93 3.02 -16.58 -4.50
N GLY D 94 3.10 -17.88 -4.75
CA GLY D 94 3.52 -18.78 -3.70
C GLY D 94 5.00 -18.82 -3.47
N ASP D 95 5.79 -18.39 -4.45
CA ASP D 95 7.23 -18.39 -4.27
C ASP D 95 7.65 -17.37 -3.22
N ARG D 96 6.98 -16.21 -3.19
CA ARG D 96 7.24 -15.23 -2.16
C ARG D 96 7.18 -15.86 -0.77
N TRP D 97 6.13 -16.64 -0.53
CA TRP D 97 5.87 -17.17 0.80
C TRP D 97 6.82 -18.30 1.16
N MET D 98 7.37 -18.98 0.16
CA MET D 98 8.38 -19.99 0.44
C MET D 98 9.65 -19.32 0.97
N ASP D 99 10.06 -18.24 0.32
CA ASP D 99 11.24 -17.50 0.75
C ASP D 99 11.00 -16.85 2.10
N TRP D 100 9.82 -16.25 2.27
CA TRP D 100 9.50 -15.50 3.48
C TRP D 100 9.52 -16.38 4.71
N THR D 101 8.88 -17.55 4.63
CA THR D 101 9.03 -18.57 5.66
C THR D 101 10.49 -18.74 6.09
N THR D 102 11.37 -19.00 5.12
CA THR D 102 12.77 -19.28 5.39
C THR D 102 13.52 -18.03 5.84
N SER D 103 13.29 -16.91 5.16
CA SER D 103 14.04 -15.70 5.42
C SER D 103 13.58 -14.98 6.69
N THR D 104 12.30 -15.01 6.99
CA THR D 104 11.75 -14.17 8.05
C THR D 104 11.10 -14.95 9.18
N PHE D 105 10.32 -15.97 8.87
CA PHE D 105 9.50 -16.57 9.91
C PHE D 105 10.29 -17.59 10.73
N ALA D 106 10.94 -18.54 10.06
CA ALA D 106 11.49 -19.71 10.73
C ALA D 106 12.42 -19.35 11.87
N GLY D 107 13.18 -18.26 11.72
CA GLY D 107 14.11 -17.88 12.76
C GLY D 107 13.41 -17.52 14.05
N VAL D 108 12.61 -16.45 14.02
CA VAL D 108 11.84 -16.05 15.19
C VAL D 108 11.01 -17.21 15.72
N PHE D 109 10.37 -17.96 14.83
CA PHE D 109 9.49 -19.02 15.31
C PHE D 109 10.28 -20.15 15.97
N ARG D 110 11.45 -20.51 15.41
CA ARG D 110 12.27 -21.56 15.99
C ARG D 110 12.53 -21.33 17.48
N ASP D 111 12.79 -20.07 17.86
CA ASP D 111 13.09 -19.77 19.25
C ASP D 111 11.85 -19.89 20.13
N LEU D 112 10.68 -19.52 19.61
CA LEU D 112 9.43 -19.77 20.33
C LEU D 112 9.21 -21.26 20.51
N PHE D 113 9.33 -22.02 19.42
CA PHE D 113 9.08 -23.46 19.50
C PHE D 113 10.00 -24.14 20.51
N TRP D 114 11.25 -23.69 20.61
CA TRP D 114 12.16 -24.35 21.53
C TRP D 114 11.83 -24.00 22.97
N GLY D 115 11.71 -22.71 23.27
CA GLY D 115 11.44 -22.25 24.61
C GLY D 115 10.11 -22.71 25.18
N VAL D 116 9.29 -23.40 24.41
CA VAL D 116 8.02 -23.94 24.88
C VAL D 116 8.05 -25.47 24.88
N VAL D 117 8.55 -26.07 23.81
CA VAL D 117 8.42 -27.51 23.62
C VAL D 117 9.62 -28.29 24.14
N ARG D 118 10.84 -27.72 24.09
CA ARG D 118 12.05 -28.53 24.24
C ARG D 118 12.99 -28.06 25.35
N THR D 119 13.00 -26.77 25.63
CA THR D 119 13.88 -26.23 26.68
C THR D 119 13.32 -26.53 28.06
N PRO D 120 14.09 -27.19 28.95
CA PRO D 120 13.62 -27.36 30.34
C PRO D 120 13.54 -26.00 31.05
N GLU D 121 12.65 -25.93 32.04
CA GLU D 121 12.29 -24.62 32.59
C GLU D 121 13.44 -23.96 33.32
N ALA D 122 14.44 -24.71 33.75
CA ALA D 122 15.57 -24.10 34.45
C ALA D 122 16.39 -23.19 33.53
N GLU D 123 16.42 -23.47 32.22
CA GLU D 123 17.26 -22.74 31.28
C GLU D 123 16.46 -21.86 30.32
N ARG D 124 15.21 -21.55 30.65
CA ARG D 124 14.35 -20.78 29.76
C ARG D 124 14.54 -19.29 29.99
N ASP D 125 14.65 -18.54 28.89
CA ASP D 125 14.73 -17.08 28.94
C ASP D 125 13.34 -16.55 28.62
N HIS D 126 12.59 -16.21 29.67
CA HIS D 126 11.17 -15.89 29.50
C HIS D 126 10.96 -14.66 28.63
N ALA D 127 11.82 -13.65 28.80
CA ALA D 127 11.68 -12.44 27.98
C ALA D 127 12.08 -12.70 26.54
N ARG D 128 12.97 -13.67 26.31
CA ARG D 128 13.23 -14.12 24.95
C ARG D 128 12.00 -14.79 24.37
N ILE D 129 11.36 -15.67 25.14
CA ILE D 129 10.27 -16.48 24.61
C ILE D 129 9.06 -15.62 24.28
N ALA D 130 8.74 -14.65 25.14
CA ALA D 130 7.57 -13.81 24.89
C ALA D 130 7.77 -12.93 23.68
N ALA D 131 8.93 -12.27 23.58
CA ALA D 131 9.28 -11.51 22.39
C ALA D 131 9.11 -12.36 21.14
N ALA D 132 9.51 -13.64 21.22
CA ALA D 132 9.37 -14.54 20.08
C ALA D 132 7.90 -14.79 19.75
N LEU D 133 7.09 -15.09 20.77
CA LEU D 133 5.65 -15.29 20.53
C LEU D 133 5.02 -14.04 19.92
N THR D 134 5.38 -12.86 20.42
CA THR D 134 4.84 -11.62 19.87
C THR D 134 5.25 -11.42 18.42
N GLN D 135 6.53 -11.59 18.11
CA GLN D 135 6.99 -11.34 16.75
C GLN D 135 6.46 -12.39 15.78
N SER D 136 6.42 -13.65 16.21
CA SER D 136 5.80 -14.69 15.39
C SER D 136 4.35 -14.33 15.06
N GLY D 137 3.62 -13.85 16.06
CA GLY D 137 2.23 -13.48 15.83
C GLY D 137 2.09 -12.30 14.89
N GLU D 138 2.96 -11.29 15.05
CA GLU D 138 2.93 -10.15 14.16
C GLU D 138 3.30 -10.58 12.74
N LEU D 139 4.30 -11.45 12.60
CA LEU D 139 4.66 -11.96 11.28
C LEU D 139 3.51 -12.75 10.66
N LEU D 140 2.85 -13.59 11.47
CA LEU D 140 1.75 -14.37 10.94
C LEU D 140 0.55 -13.50 10.57
N ALA D 141 0.44 -12.30 11.13
CA ALA D 141 -0.64 -11.39 10.75
C ALA D 141 -0.52 -10.96 9.29
N ARG D 142 0.71 -10.90 8.76
CA ARG D 142 0.86 -10.60 7.34
C ARG D 142 0.38 -11.76 6.49
N ALA D 143 0.57 -12.99 6.98
CA ALA D 143 -0.01 -14.14 6.30
C ALA D 143 -1.54 -14.15 6.40
N ASP D 144 -2.08 -13.79 7.57
CA ASP D 144 -3.52 -13.69 7.72
C ASP D 144 -4.11 -12.73 6.69
N ALA D 145 -3.48 -11.56 6.53
CA ALA D 145 -3.95 -10.57 5.56
C ALA D 145 -3.95 -11.13 4.15
N ALA D 146 -2.88 -11.84 3.77
CA ALA D 146 -2.84 -12.43 2.43
C ALA D 146 -3.91 -13.49 2.27
N LEU D 147 -4.14 -14.28 3.32
CA LEU D 147 -5.21 -15.28 3.27
C LEU D 147 -6.60 -14.67 3.44
N ALA D 148 -6.70 -13.36 3.67
CA ALA D 148 -8.00 -12.71 3.59
C ALA D 148 -8.41 -12.49 2.14
N GLN D 149 -7.44 -12.25 1.26
CA GLN D 149 -7.76 -11.91 -0.12
C GLN D 149 -7.70 -13.10 -1.07
N GLN D 150 -6.95 -14.16 -0.75
CA GLN D 150 -6.97 -15.39 -1.52
C GLN D 150 -6.99 -16.56 -0.56
N PRO D 151 -7.53 -17.72 -0.98
CA PRO D 151 -7.66 -18.84 -0.04
C PRO D 151 -6.37 -19.59 0.25
N TYR D 152 -5.34 -19.44 -0.58
CA TYR D 152 -4.06 -20.09 -0.38
C TYR D 152 -2.94 -19.08 -0.62
N LEU D 153 -1.78 -19.38 -0.02
CA LEU D 153 -0.61 -18.54 -0.27
C LEU D 153 -0.19 -18.60 -1.74
N SER D 154 -0.49 -19.72 -2.41
CA SER D 154 -0.15 -19.81 -3.82
C SER D 154 -1.16 -19.10 -4.69
N GLY D 155 -2.27 -18.63 -4.13
CA GLY D 155 -3.28 -17.96 -4.90
C GLY D 155 -4.65 -18.62 -4.80
N GLY D 156 -5.25 -18.92 -5.93
CA GLY D 156 -6.58 -19.48 -5.91
C GLY D 156 -6.60 -20.96 -5.58
N ARG D 157 -5.69 -21.72 -6.18
CA ARG D 157 -5.56 -23.14 -5.91
C ARG D 157 -4.38 -23.38 -4.98
N PHE D 158 -4.43 -24.49 -4.26
CA PHE D 158 -3.31 -24.89 -3.42
C PHE D 158 -2.15 -25.31 -4.32
N ALA D 159 -0.93 -25.05 -3.87
CA ALA D 159 0.26 -25.38 -4.65
C ALA D 159 1.49 -25.29 -3.74
N MET D 160 2.65 -25.44 -4.38
CA MET D 160 4.01 -25.42 -3.85
C MET D 160 4.15 -24.40 -2.72
N GLY D 161 3.66 -23.19 -2.96
CA GLY D 161 3.90 -22.06 -2.09
C GLY D 161 3.29 -22.15 -0.73
N ASP D 162 2.38 -23.09 -0.52
CA ASP D 162 1.75 -23.28 0.78
C ASP D 162 2.52 -24.22 1.67
N ILE D 163 3.36 -25.09 1.09
CA ILE D 163 3.99 -26.15 1.88
C ILE D 163 4.90 -25.62 2.98
N PRO D 164 5.84 -24.69 2.71
CA PRO D 164 6.77 -24.30 3.79
C PRO D 164 6.08 -23.72 5.00
N LEU D 165 5.25 -22.69 4.83
CA LEU D 165 4.56 -22.12 5.98
C LEU D 165 3.52 -23.09 6.52
N GLY D 166 2.83 -23.81 5.63
CA GLY D 166 1.89 -24.83 6.09
C GLY D 166 2.52 -25.81 7.07
N SER D 167 3.72 -26.29 6.75
CA SER D 167 4.43 -27.18 7.65
C SER D 167 4.68 -26.53 9.01
N PHE D 168 5.05 -25.25 9.02
CA PHE D 168 5.29 -24.57 10.29
C PHE D 168 3.99 -24.36 11.06
N ILE D 169 2.92 -23.99 10.35
CA ILE D 169 1.73 -23.49 11.01
C ILE D 169 1.05 -24.58 11.81
N TYR D 170 1.34 -25.85 11.52
CA TYR D 170 0.84 -26.93 12.35
C TYR D 170 1.31 -26.78 13.79
N ALA D 171 2.61 -26.51 14.00
CA ALA D 171 3.13 -26.32 15.34
C ALA D 171 2.49 -25.10 16.02
N TRP D 172 2.31 -24.02 15.25
CA TRP D 172 1.78 -22.78 15.80
C TRP D 172 0.42 -23.00 16.45
N PHE D 173 -0.48 -23.67 15.75
CA PHE D 173 -1.84 -23.81 16.22
C PHE D 173 -1.98 -24.89 17.28
N GLU D 174 -1.02 -25.80 17.39
CA GLU D 174 -1.13 -26.95 18.30
C GLU D 174 -0.17 -26.89 19.48
N MET D 175 0.57 -25.79 19.65
CA MET D 175 1.42 -25.56 20.80
C MET D 175 0.59 -25.03 21.97
N PRO D 176 0.97 -25.33 23.20
CA PRO D 176 0.31 -24.67 24.32
C PRO D 176 0.67 -23.20 24.40
N ILE D 177 0.20 -22.39 23.45
CA ILE D 177 0.49 -20.96 23.47
C ILE D 177 -0.79 -20.16 23.34
N GLU D 178 -0.76 -18.96 23.89
CA GLU D 178 -1.79 -17.96 23.65
C GLU D 178 -1.45 -17.27 22.33
N ARG D 179 -2.27 -17.48 21.31
CA ARG D 179 -1.98 -16.87 20.04
C ARG D 179 -3.10 -15.92 19.61
N PRO D 180 -2.76 -14.81 18.94
CA PRO D 180 -3.80 -13.85 18.54
C PRO D 180 -4.79 -14.46 17.56
N GLU D 181 -5.89 -13.76 17.36
CA GLU D 181 -7.00 -14.26 16.54
C GLU D 181 -6.75 -13.89 15.09
N LEU D 182 -6.41 -14.88 14.28
CA LEU D 182 -6.16 -14.69 12.85
C LEU D 182 -7.07 -15.66 12.12
N PRO D 183 -8.31 -15.26 11.87
CA PRO D 183 -9.30 -16.22 11.33
C PRO D 183 -8.97 -16.72 9.94
N HIS D 184 -8.34 -15.90 9.09
CA HIS D 184 -8.02 -16.36 7.74
C HIS D 184 -6.86 -17.36 7.77
N LEU D 185 -5.85 -17.06 8.57
CA LEU D 185 -4.80 -18.03 8.86
C LEU D 185 -5.41 -19.34 9.38
N GLN D 186 -6.34 -19.23 10.32
CA GLN D 186 -6.97 -20.43 10.87
C GLN D 186 -7.78 -21.17 9.81
N ALA D 187 -8.64 -20.46 9.09
CA ALA D 187 -9.42 -21.09 8.03
C ALA D 187 -8.51 -21.79 7.02
N TRP D 188 -7.31 -21.24 6.81
CA TRP D 188 -6.35 -21.83 5.89
C TRP D 188 -5.76 -23.11 6.47
N TYR D 189 -5.38 -23.08 7.75
CA TYR D 189 -4.98 -24.30 8.45
C TYR D 189 -6.01 -25.40 8.26
N ALA D 190 -7.28 -25.04 8.44
CA ALA D 190 -8.36 -26.02 8.33
C ALA D 190 -8.38 -26.65 6.93
N ARG D 191 -8.25 -25.82 5.89
CA ARG D 191 -8.19 -26.36 4.54
C ARG D 191 -7.05 -27.36 4.40
N LEU D 192 -5.90 -27.07 5.00
CA LEU D 192 -4.75 -27.98 4.91
C LEU D 192 -4.99 -29.24 5.73
N ARG D 193 -5.48 -29.08 6.97
CA ARG D 193 -5.79 -30.22 7.83
C ARG D 193 -6.59 -31.30 7.10
N VAL D 194 -7.42 -30.90 6.15
CA VAL D 194 -8.26 -31.84 5.42
C VAL D 194 -7.44 -32.75 4.53
N ARG D 195 -6.31 -32.25 4.00
CA ARG D 195 -5.61 -32.99 2.97
C ARG D 195 -4.93 -34.24 3.55
N PRO D 196 -5.02 -35.37 2.86
CA PRO D 196 -4.36 -36.58 3.38
C PRO D 196 -2.86 -36.42 3.51
N ALA D 197 -2.19 -36.00 2.42
CA ALA D 197 -0.75 -35.86 2.43
C ALA D 197 -0.26 -34.96 3.57
N TYR D 198 -1.06 -33.96 3.93
CA TYR D 198 -0.69 -33.07 5.03
C TYR D 198 -0.78 -33.80 6.37
N GLN D 199 -1.83 -34.62 6.55
CA GLN D 199 -1.96 -35.39 7.78
C GLN D 199 -0.80 -36.35 7.94
N ARG D 200 -0.40 -37.01 6.85
CA ARG D 200 0.70 -37.96 6.90
C ARG D 200 2.05 -37.25 6.99
N GLY D 201 2.30 -36.30 6.07
CA GLY D 201 3.59 -35.63 6.05
C GLY D 201 3.82 -34.72 7.24
N VAL D 202 2.81 -33.93 7.60
CA VAL D 202 3.00 -32.82 8.55
C VAL D 202 2.58 -33.20 9.95
N MET D 203 1.37 -33.75 10.11
CA MET D 203 0.73 -33.81 11.43
C MET D 203 1.29 -34.95 12.27
N THR D 204 2.57 -34.82 12.60
CA THR D 204 3.32 -35.79 13.38
C THR D 204 3.39 -35.34 14.83
N ALA D 205 3.99 -36.19 15.67
CA ALA D 205 4.20 -35.82 17.06
C ALA D 205 5.03 -34.55 17.14
N LEU D 206 4.54 -33.57 17.92
CA LEU D 206 5.25 -32.31 18.12
C LEU D 206 6.20 -32.46 19.30
N THR D 207 7.35 -33.05 19.01
CA THR D 207 8.37 -33.30 20.03
C THR D 207 9.61 -32.42 19.85
#